data_7RKM
#
_entry.id   7RKM
#
_cell.length_a   1.00
_cell.length_b   1.00
_cell.length_c   1.00
_cell.angle_alpha   90.00
_cell.angle_beta   90.00
_cell.angle_gamma   90.00
#
_symmetry.space_group_name_H-M   'P 1'
#
loop_
_entity.id
_entity.type
_entity.pdbx_description
1 polymer 'Guanine nucleotide-binding protein G(i) subunit alpha-1'
2 polymer 'Guanine nucleotide-binding protein G(I)/G(S)/G(T) subunit beta-1'
3 polymer 'Guanine nucleotide-binding protein G(I)/G(S)/G(O) subunit gamma-2'
4 polymer 'Antibody fragment scFv16'
5 polymer Fractalkine
6 polymer 'G-protein coupled receptor homolog US28'
7 non-polymer CHOLESTEROL
#
loop_
_entity_poly.entity_id
_entity_poly.type
_entity_poly.pdbx_seq_one_letter_code
_entity_poly.pdbx_strand_id
1 'polypeptide(L)'
;GCTLSAEDKAAVERSKMIDRNLREDGEKAAREVKLLLLGAGESGKSTIVKQMKIIHEAGYSEEECKQYKAVVYSNTIQSI
IAIIRAMGRLKIDFGDSARADDARQLFVLAGAAEEGFMTAELAGVIKRLWKDSGVQACFNRSREYQLNDSAAYYLNDLDR
IAQPNYIPTQQDVLRTRVKTTGIVETHFTFKDLHFKMFDVGGQRSERKKWIHCFEGVTAIIFCVALSDYDLVLAEDEEMN
RMHESMKLFDSICNNKWFTDTSIILFLNKKDLFEEKIKKSPLTICYPEYAGSNTYEEAAAYIQCQFEDLNKRKDTKEIYT
HFTCATDTKNVQFVFDAVTDVIIKNNLKDCGLF
;
A
2 'polypeptide(L)'
;GPGSSGSELDQLRQEAEQLKNQIRDARKACADATLSQITNNIDPVGRIQMRTRRTLRGHLAKIYAMHWGTDSRLLVSASQ
DGKLIIWDSYTTNKVHAIPLRSSWVMTCAYAPSGNYVACGGLDNICSIYNLKTREGNVRVSRELAGHTGYLSCCRFLDDN
QIVTSSGDTTCALWDIETGQQTTTFTGHTGDVMSLSLAPDTRLFVSGACDASAKLWDVREGMCRQTFTGHESDINAICFF
PNGNAFATGSDDATCRLFDLRADQELMTYSHDNIICGITSVSFSKSGRLLLAGYDDFNCNVWDALKADRAGVLAGHDNRV
SCLGVTDDGMAVATGSWDSFLKIWN
;
B
3 'polypeptide(L)' ASNNTASIAQARKLVEQLKMEANIDRIKVSKAAADLMAYCEAHAKEDPLLTPVPASENPFREKKFFC C
4 'polypeptide(L)'
;DVQLVESGGGLVQPGGSRKLSCSASGFAFSSFGMHWVRQAPEKGLEWVAYISSGSGTIYYADTVKGRFTISRDDPKNTLF
LQMTSLRSEDTAMYYCVRSIYYYGSSPFDFWGQGTTLTVSSGGGGSGGGGSGGGGSDIVMTQATSSVPVTPGESVSISCR
SSKSLLHSNGNTYLYWFLQRPGQSPQLLIYRMSNLASGVPDRFSGSGSGTAFTLTISRLEAEDVGVYYCMQHLEYPLTFG
AGTKLELKGSLEVLFQ
;
D
5 'polypeptide(L)'
;(PCA)HHGVTKCNITCSKMTSKIPVALLIHYQQNQASCGKRAIILETRQHRLFCADPKEQWVKDAMQHLDRQAAALTRNG
GSGSGSAAALEVLFQ
;
L
6 'polypeptide(L)'
;DYKDDDDAMTPTTTTAELTTEFDYDEDATPCVFTDVLNQSKPVTLFLYGVVFLFGSIGNFLVIFTITWRRRIQCSGDVYF
INLAAADLLFVCTLPLWMQYLLDHNSLASVPCTLLTACFYVAMFASLCFITEIALDRYYAIVYMRYRPVKQACLFSIFWW
IFAVIIAIPHFMVVTKKDNQCMTDYDYLEVSYPIILNVELMLGAFVIPLSVISYCYYRISRIVAVSQSRHKGRIVRVLIA
VVLVFIIFWLPYHLTLFVDTLKLLKWISSSCEFERSLKRALILTESLAFCHCCLNPLLYVFVGTKFRQELHCLLAEFRQR
LFSRDVSWYHSMSFSRRSSPSRRETSSDTLSDEVCRVSQIIP
;
R
#
# COMPACT_ATOMS: atom_id res chain seq x y z
N LEU A 4 -6.58 -23.15 -8.44
CA LEU A 4 -6.33 -21.71 -8.56
C LEU A 4 -6.92 -20.95 -7.37
N SER A 5 -8.26 -20.95 -7.27
CA SER A 5 -8.96 -20.26 -6.19
C SER A 5 -10.38 -20.78 -6.11
N ALA A 6 -10.81 -21.17 -4.90
CA ALA A 6 -12.19 -21.63 -4.69
C ALA A 6 -12.98 -20.71 -3.79
N GLU A 7 -12.53 -20.51 -2.54
CA GLU A 7 -12.93 -19.39 -1.71
C GLU A 7 -11.86 -18.32 -1.68
N ASP A 8 -10.66 -18.65 -2.15
CA ASP A 8 -9.57 -17.69 -2.24
C ASP A 8 -9.90 -16.54 -3.17
N LYS A 9 -10.82 -16.74 -4.11
CA LYS A 9 -11.33 -15.61 -4.89
C LYS A 9 -12.06 -14.62 -4.00
N ALA A 10 -12.92 -15.12 -3.10
CA ALA A 10 -13.61 -14.24 -2.18
C ALA A 10 -12.68 -13.67 -1.11
N ALA A 11 -11.68 -14.43 -0.69
CA ALA A 11 -10.68 -13.90 0.23
C ALA A 11 -9.87 -12.78 -0.41
N VAL A 12 -9.49 -12.95 -1.68
CA VAL A 12 -8.77 -11.90 -2.40
C VAL A 12 -9.68 -10.69 -2.63
N GLU A 13 -10.98 -10.92 -2.86
CA GLU A 13 -11.90 -9.80 -2.99
C GLU A 13 -12.03 -9.03 -1.68
N ARG A 14 -12.07 -9.74 -0.55
CA ARG A 14 -12.07 -9.08 0.76
C ARG A 14 -10.78 -8.29 0.96
N SER A 15 -9.64 -8.87 0.55
CA SER A 15 -8.37 -8.16 0.63
C SER A 15 -8.36 -6.91 -0.23
N LYS A 16 -8.98 -6.97 -1.41
CA LYS A 16 -9.04 -5.80 -2.29
C LYS A 16 -9.92 -4.70 -1.70
N MET A 17 -11.05 -5.08 -1.09
CA MET A 17 -11.88 -4.08 -0.42
C MET A 17 -11.15 -3.47 0.77
N ILE A 18 -10.39 -4.29 1.50
CA ILE A 18 -9.57 -3.79 2.58
C ILE A 18 -8.52 -2.81 2.05
N ASP A 19 -7.92 -3.14 0.90
CA ASP A 19 -6.96 -2.25 0.25
C ASP A 19 -7.60 -0.93 -0.12
N ARG A 20 -8.84 -0.97 -0.64
CA ARG A 20 -9.56 0.25 -0.96
C ARG A 20 -9.79 1.10 0.29
N ASN A 21 -10.18 0.46 1.40
CA ASN A 21 -10.38 1.22 2.63
C ASN A 21 -9.07 1.79 3.17
N LEU A 22 -7.97 1.02 3.11
CA LEU A 22 -6.68 1.54 3.54
C LEU A 22 -6.23 2.72 2.70
N ARG A 23 -6.38 2.63 1.37
CA ARG A 23 -5.94 3.74 0.52
C ARG A 23 -6.82 4.97 0.74
N GLU A 24 -8.14 4.78 0.90
CA GLU A 24 -9.02 5.92 1.17
C GLU A 24 -8.68 6.58 2.51
N ASP A 25 -8.41 5.78 3.54
CA ASP A 25 -8.02 6.36 4.82
C ASP A 25 -6.66 7.03 4.76
N GLY A 26 -5.74 6.49 3.94
CA GLY A 26 -4.46 7.14 3.75
C GLY A 26 -4.58 8.47 3.03
N GLU A 27 -5.46 8.55 2.02
CA GLU A 27 -5.75 9.82 1.38
C GLU A 27 -6.38 10.81 2.34
N LYS A 28 -7.32 10.33 3.18
CA LYS A 28 -7.99 11.21 4.13
C LYS A 28 -7.01 11.76 5.17
N ALA A 29 -6.11 10.92 5.68
CA ALA A 29 -5.20 11.33 6.74
C ALA A 29 -3.87 11.85 6.22
N ALA A 30 -3.64 11.81 4.91
CA ALA A 30 -2.43 12.38 4.33
C ALA A 30 -2.55 13.87 4.04
N ARG A 31 -3.79 14.39 3.99
CA ARG A 31 -4.03 15.82 3.80
C ARG A 31 -4.30 16.51 5.13
N GLU A 32 -4.15 15.79 6.24
CA GLU A 32 -4.44 16.29 7.57
C GLU A 32 -3.14 16.75 8.22
N VAL A 33 -3.17 17.95 8.80
CA VAL A 33 -1.96 18.59 9.31
C VAL A 33 -1.65 18.07 10.71
N LYS A 34 -0.44 17.56 10.90
CA LYS A 34 -0.01 17.04 12.19
C LYS A 34 0.91 18.05 12.87
N LEU A 35 0.56 18.44 14.08
CA LEU A 35 1.31 19.42 14.85
C LEU A 35 1.71 18.80 16.17
N LEU A 36 2.99 18.44 16.30
CA LEU A 36 3.51 18.07 17.60
C LEU A 36 3.47 19.28 18.51
N LEU A 37 3.26 19.07 19.81
CA LEU A 37 3.18 20.18 20.76
C LEU A 37 4.13 19.88 21.90
N LEU A 38 5.26 20.59 21.93
CA LEU A 38 6.24 20.38 22.99
C LEU A 38 6.41 21.64 23.81
N GLY A 39 7.02 21.48 24.97
CA GLY A 39 7.20 22.60 25.88
C GLY A 39 7.64 22.13 27.24
N ALA A 40 7.80 23.10 28.15
CA ALA A 40 8.22 22.81 29.50
C ALA A 40 7.02 22.55 30.41
N GLY A 41 7.31 22.08 31.62
CA GLY A 41 6.24 21.80 32.58
C GLY A 41 5.58 23.06 33.10
N GLU A 42 4.27 22.93 33.39
CA GLU A 42 3.38 23.98 33.92
C GLU A 42 3.50 25.28 33.14
N SER A 43 3.57 25.15 31.82
CA SER A 43 3.69 26.27 30.90
C SER A 43 2.33 26.48 30.22
N GLY A 44 2.32 27.36 29.22
CA GLY A 44 1.10 27.74 28.56
C GLY A 44 0.56 26.76 27.54
N LYS A 45 1.10 25.54 27.49
CA LYS A 45 0.62 24.51 26.57
C LYS A 45 -0.87 24.26 26.76
N SER A 46 -1.29 24.10 28.01
CA SER A 46 -2.72 23.93 28.31
C SER A 46 -3.52 25.16 27.88
N THR A 47 -2.93 26.36 28.04
CA THR A 47 -3.60 27.57 27.59
C THR A 47 -3.72 27.61 26.07
N ILE A 48 -2.69 27.14 25.36
CA ILE A 48 -2.77 27.04 23.90
C ILE A 48 -3.87 26.08 23.48
N VAL A 49 -3.93 24.91 24.13
CA VAL A 49 -4.95 23.91 23.82
C VAL A 49 -6.35 24.46 24.12
N LYS A 50 -6.48 25.20 25.23
CA LYS A 50 -7.74 25.84 25.58
C LYS A 50 -8.13 26.87 24.54
N GLN A 51 -7.15 27.61 24.01
CA GLN A 51 -7.42 28.67 23.06
C GLN A 51 -7.76 28.15 21.66
N MET A 52 -7.56 26.86 21.42
CA MET A 52 -8.02 26.25 20.18
C MET A 52 -9.53 26.01 20.27
N LYS A 53 -10.26 26.47 19.26
CA LYS A 53 -11.71 26.40 19.25
C LYS A 53 -12.12 25.01 18.75
N ILE A 54 -12.42 24.12 19.70
CA ILE A 54 -12.78 22.75 19.37
C ILE A 54 -14.29 22.57 19.42
N THR A 181 -4.11 9.66 30.85
CA THR A 181 -2.72 10.03 30.69
C THR A 181 -2.22 9.71 29.29
N GLY A 182 -0.89 9.71 29.12
CA GLY A 182 -0.33 9.43 27.81
C GLY A 182 -0.48 10.61 26.86
N ILE A 183 -0.40 10.29 25.57
CA ILE A 183 -0.51 11.32 24.54
C ILE A 183 -1.96 11.79 24.46
N VAL A 184 -2.14 13.06 24.10
CA VAL A 184 -3.45 13.68 23.94
C VAL A 184 -3.52 14.25 22.53
N GLU A 185 -4.62 14.01 21.84
CA GLU A 185 -4.82 14.52 20.49
C GLU A 185 -6.03 15.44 20.48
N THR A 186 -5.84 16.64 19.95
CA THR A 186 -6.93 17.60 19.78
C THR A 186 -7.15 17.83 18.29
N HIS A 187 -8.38 17.68 17.84
CA HIS A 187 -8.73 17.87 16.44
C HIS A 187 -9.45 19.20 16.30
N PHE A 188 -9.08 19.99 15.29
CA PHE A 188 -9.83 21.21 15.01
C PHE A 188 -9.68 21.57 13.54
N THR A 189 -10.75 22.13 12.99
CA THR A 189 -10.78 22.56 11.60
C THR A 189 -10.60 24.07 11.51
N PHE A 190 -9.71 24.50 10.62
CA PHE A 190 -9.46 25.91 10.39
C PHE A 190 -9.18 26.13 8.91
N LYS A 191 -9.90 27.08 8.30
CA LYS A 191 -9.82 27.37 6.87
C LYS A 191 -10.03 26.12 6.02
N ASP A 192 -11.02 25.30 6.45
CA ASP A 192 -11.32 24.00 5.84
C ASP A 192 -10.09 23.11 5.78
N LEU A 193 -9.31 23.14 6.85
CA LEU A 193 -8.11 22.30 6.97
C LEU A 193 -8.14 21.64 8.34
N HIS A 194 -7.93 20.33 8.38
CA HIS A 194 -8.06 19.56 9.60
C HIS A 194 -6.69 19.46 10.28
N PHE A 195 -6.61 19.93 11.51
CA PHE A 195 -5.39 19.89 12.31
C PHE A 195 -5.56 18.87 13.42
N LYS A 196 -4.68 17.87 13.46
CA LYS A 196 -4.46 17.06 14.65
C LYS A 196 -3.27 17.66 15.38
N MET A 197 -3.46 18.01 16.65
CA MET A 197 -2.40 18.60 17.47
C MET A 197 -2.15 17.64 18.63
N PHE A 198 -0.92 17.14 18.72
CA PHE A 198 -0.53 16.10 19.66
C PHE A 198 0.21 16.72 20.84
N ASP A 199 -0.49 16.88 21.95
CA ASP A 199 0.15 17.25 23.21
C ASP A 199 0.65 15.94 23.83
N VAL A 200 1.96 15.73 23.77
CA VAL A 200 2.56 14.46 24.18
C VAL A 200 3.24 14.57 25.54
N GLY A 201 3.44 15.77 26.05
CA GLY A 201 4.12 16.00 27.32
C GLY A 201 3.49 15.41 28.57
N GLY A 202 2.34 14.74 28.42
CA GLY A 202 1.73 14.08 29.55
C GLY A 202 2.55 12.94 30.09
N GLN A 203 3.21 12.18 29.20
CA GLN A 203 4.03 11.05 29.61
C GLN A 203 5.46 11.52 29.89
N ARG A 204 6.00 11.09 31.02
CA ARG A 204 7.34 11.46 31.45
C ARG A 204 8.24 10.24 31.32
N SER A 205 9.07 10.22 30.29
CA SER A 205 10.01 9.15 30.03
C SER A 205 11.14 9.71 29.18
N GLU A 206 11.97 8.82 28.64
CA GLU A 206 13.09 9.23 27.80
C GLU A 206 12.56 9.50 26.39
N ARG A 207 12.69 10.76 25.95
CA ARG A 207 12.09 11.17 24.69
C ARG A 207 12.74 10.52 23.48
N LYS A 208 14.00 10.12 23.58
CA LYS A 208 14.72 9.58 22.43
C LYS A 208 14.17 8.27 21.94
N LYS A 209 13.41 7.54 22.77
CA LYS A 209 12.88 6.24 22.39
C LYS A 209 11.51 6.29 21.75
N TRP A 210 10.86 7.45 21.72
CA TRP A 210 9.57 7.55 21.07
C TRP A 210 9.43 8.80 20.19
N ILE A 211 10.45 9.65 20.08
CA ILE A 211 10.31 10.84 19.27
C ILE A 211 10.36 10.52 17.78
N HIS A 212 10.96 9.38 17.40
CA HIS A 212 10.97 8.97 16.01
C HIS A 212 9.58 8.58 15.51
N CYS A 213 8.62 8.37 16.41
CA CYS A 213 7.23 8.22 16.00
C CYS A 213 6.69 9.49 15.37
N PHE A 214 7.28 10.65 15.66
CA PHE A 214 6.81 11.91 15.13
C PHE A 214 7.67 12.41 13.97
N GLU A 215 8.49 11.53 13.38
CA GLU A 215 9.22 11.88 12.17
C GLU A 215 8.22 11.97 11.03
N GLY A 216 7.90 13.18 10.62
CA GLY A 216 6.90 13.36 9.59
C GLY A 216 5.68 14.13 10.06
N VAL A 217 5.78 14.77 11.21
CA VAL A 217 4.74 15.73 11.60
C VAL A 217 4.86 16.94 10.69
N THR A 218 3.72 17.58 10.42
CA THR A 218 3.72 18.76 9.57
C THR A 218 4.47 19.91 10.22
N ALA A 219 4.26 20.13 11.52
CA ALA A 219 5.03 21.16 12.21
C ALA A 219 5.15 20.83 13.69
N ILE A 220 6.13 21.43 14.34
CA ILE A 220 6.39 21.24 15.76
C ILE A 220 6.08 22.56 16.46
N ILE A 221 4.88 22.68 17.04
CA ILE A 221 4.56 23.82 17.87
C ILE A 221 5.34 23.67 19.17
N PHE A 222 6.39 24.47 19.32
CA PHE A 222 7.12 24.55 20.58
C PHE A 222 6.51 25.66 21.42
N CYS A 223 6.49 25.46 22.72
CA CYS A 223 5.92 26.41 23.65
C CYS A 223 6.93 26.78 24.71
N VAL A 224 7.04 28.08 25.01
CA VAL A 224 7.95 28.56 26.04
C VAL A 224 7.19 29.55 26.90
N ALA A 225 7.09 29.26 28.21
CA ALA A 225 6.65 30.27 29.15
C ALA A 225 7.79 31.26 29.37
N LEU A 226 7.46 32.55 29.35
CA LEU A 226 8.48 33.58 29.48
C LEU A 226 8.74 34.00 30.92
N SER A 227 7.71 33.96 31.76
CA SER A 227 7.77 34.57 33.09
C SER A 227 8.18 33.59 34.19
N ASP A 228 8.95 32.55 33.88
CA ASP A 228 9.32 31.56 34.89
C ASP A 228 10.83 31.52 35.07
N TYR A 229 11.28 31.78 36.31
CA TYR A 229 12.68 31.63 36.69
C TYR A 229 12.82 31.08 38.11
N ASP A 230 11.89 30.23 38.56
CA ASP A 230 11.80 29.92 39.99
C ASP A 230 12.08 28.47 40.36
N LEU A 231 11.99 27.52 39.44
CA LEU A 231 12.29 26.14 39.77
C LEU A 231 13.79 25.88 39.69
N VAL A 232 14.31 25.18 40.68
CA VAL A 232 15.74 24.85 40.72
C VAL A 232 16.00 23.59 39.89
N ASN A 240 14.99 29.00 36.78
CA ASN A 240 16.03 28.39 35.98
C ASN A 240 15.31 27.51 34.96
N ARG A 241 13.98 27.66 34.91
CA ARG A 241 13.18 26.92 33.95
C ARG A 241 13.43 27.36 32.52
N MET A 242 13.81 28.63 32.32
CA MET A 242 14.10 29.10 30.97
C MET A 242 15.31 28.40 30.37
N HIS A 243 16.33 28.12 31.18
CA HIS A 243 17.45 27.32 30.71
C HIS A 243 17.02 25.90 30.38
N GLU A 244 16.10 25.33 31.16
CA GLU A 244 15.55 24.02 30.84
C GLU A 244 14.81 24.03 29.50
N SER A 245 14.06 25.10 29.25
CA SER A 245 13.39 25.26 27.96
C SER A 245 14.40 25.36 26.82
N MET A 246 15.51 26.07 27.05
CA MET A 246 16.56 26.14 26.03
C MET A 246 17.21 24.78 25.79
N LYS A 247 17.43 24.01 26.85
CA LYS A 247 17.97 22.65 26.68
C LYS A 247 17.02 21.77 25.90
N LEU A 248 15.71 21.86 26.20
CA LEU A 248 14.72 21.09 25.46
C LEU A 248 14.67 21.51 24.00
N PHE A 249 14.74 22.82 23.73
CA PHE A 249 14.75 23.30 22.35
C PHE A 249 15.99 22.83 21.60
N ASP A 250 17.16 22.87 22.25
CA ASP A 250 18.38 22.41 21.62
C ASP A 250 18.32 20.91 21.36
N SER A 251 17.72 20.15 22.27
CA SER A 251 17.63 18.71 22.10
C SER A 251 16.59 18.30 21.07
N ILE A 252 15.55 19.10 20.87
CA ILE A 252 14.49 18.72 19.96
C ILE A 252 14.68 19.35 18.56
N CYS A 253 15.49 20.39 18.45
CA CYS A 253 15.64 21.09 17.18
C CYS A 253 16.70 20.46 16.29
N ASN A 254 17.58 19.65 16.86
CA ASN A 254 18.68 19.04 16.12
C ASN A 254 18.56 17.52 16.06
N ASN A 255 17.34 17.00 16.16
CA ASN A 255 17.12 15.57 15.94
C ASN A 255 17.43 15.21 14.50
N LYS A 256 17.84 13.96 14.30
CA LYS A 256 18.01 13.45 12.94
C LYS A 256 16.68 13.31 12.20
N TRP A 257 15.56 13.35 12.93
CA TRP A 257 14.23 13.27 12.33
C TRP A 257 13.71 14.64 11.93
N PHE A 258 13.98 15.66 12.73
CA PHE A 258 13.35 16.97 12.61
C PHE A 258 14.20 17.97 11.85
N THR A 259 14.97 17.50 10.85
CA THR A 259 15.73 18.41 10.03
C THR A 259 14.82 19.29 9.16
N ASP A 260 13.77 18.71 8.59
CA ASP A 260 12.91 19.44 7.68
C ASP A 260 11.59 19.89 8.31
N THR A 261 11.24 19.41 9.49
CA THR A 261 9.97 19.77 10.13
C THR A 261 10.13 21.13 10.79
N SER A 262 9.40 22.12 10.30
CA SER A 262 9.52 23.48 10.80
C SER A 262 8.98 23.58 12.23
N ILE A 263 9.59 24.48 13.00
CA ILE A 263 9.26 24.68 14.41
C ILE A 263 8.54 26.01 14.54
N ILE A 264 7.32 25.96 15.06
CA ILE A 264 6.52 27.15 15.32
C ILE A 264 6.68 27.46 16.80
N LEU A 265 7.52 28.44 17.13
CA LEU A 265 7.83 28.78 18.51
C LEU A 265 6.81 29.77 19.06
N PHE A 266 6.22 29.44 20.20
CA PHE A 266 5.30 30.32 20.90
C PHE A 266 5.95 30.79 22.19
N LEU A 267 5.77 32.07 22.51
CA LEU A 267 6.31 32.69 23.72
C LEU A 267 5.13 33.24 24.51
N ASN A 268 4.70 32.50 25.52
CA ASN A 268 3.43 32.78 26.17
C ASN A 268 3.58 33.81 27.29
N LYS A 269 2.43 34.30 27.76
CA LYS A 269 2.29 35.11 28.97
C LYS A 269 3.11 36.40 28.93
N LYS A 270 2.81 37.26 27.95
CA LYS A 270 3.53 38.53 27.82
C LYS A 270 3.28 39.48 28.98
N ASP A 271 2.05 39.52 29.50
CA ASP A 271 1.74 40.45 30.58
C ASP A 271 2.47 40.10 31.87
N LEU A 272 2.39 38.83 32.29
CA LEU A 272 3.12 38.41 33.47
C LEU A 272 4.63 38.52 33.27
N PHE A 273 5.10 38.30 32.04
CA PHE A 273 6.52 38.50 31.75
C PHE A 273 6.93 39.95 31.92
N GLU A 274 6.10 40.89 31.44
CA GLU A 274 6.41 42.30 31.59
C GLU A 274 6.38 42.73 33.05
N GLU A 275 5.41 42.21 33.81
CA GLU A 275 5.35 42.50 35.24
C GLU A 275 6.57 41.94 35.97
N LYS A 276 7.00 40.74 35.61
CA LYS A 276 8.17 40.14 36.23
C LYS A 276 9.43 40.90 35.89
N ILE A 277 9.61 41.29 34.62
CA ILE A 277 10.81 42.01 34.21
C ILE A 277 10.84 43.41 34.80
N LYS A 278 9.69 44.06 34.99
CA LYS A 278 9.66 45.32 35.72
C LYS A 278 9.84 45.11 37.23
N LYS A 279 9.61 43.90 37.72
CA LYS A 279 9.82 43.59 39.13
C LYS A 279 11.23 43.08 39.39
N SER A 280 11.68 42.07 38.62
CA SER A 280 13.01 41.52 38.77
C SER A 280 13.72 41.54 37.43
N PRO A 281 15.00 41.92 37.41
CA PRO A 281 15.71 42.05 36.12
C PRO A 281 16.05 40.70 35.52
N LEU A 282 16.49 40.75 34.27
CA LEU A 282 16.87 39.55 33.52
C LEU A 282 18.23 39.02 33.94
N THR A 283 19.01 39.79 34.72
CA THR A 283 20.34 39.40 35.14
C THR A 283 20.34 38.15 36.02
N ILE A 284 19.20 37.80 36.63
CA ILE A 284 19.13 36.60 37.46
C ILE A 284 19.32 35.34 36.60
N CYS A 285 18.86 35.36 35.35
CA CYS A 285 18.99 34.22 34.46
C CYS A 285 20.11 34.39 33.45
N TYR A 286 20.12 35.50 32.71
CA TYR A 286 21.20 35.79 31.77
C TYR A 286 22.00 37.00 32.24
N PRO A 287 23.15 36.79 32.87
CA PRO A 287 23.99 37.94 33.27
C PRO A 287 24.48 38.78 32.11
N GLU A 288 24.71 38.17 30.95
CA GLU A 288 25.34 38.85 29.83
C GLU A 288 24.37 39.66 28.98
N TYR A 289 23.13 39.85 29.42
CA TYR A 289 22.20 40.72 28.70
C TYR A 289 22.58 42.16 28.94
N ALA A 290 22.93 42.88 27.87
CA ALA A 290 23.41 44.26 27.94
C ALA A 290 22.42 45.14 27.19
N GLY A 291 21.58 45.86 27.93
CA GLY A 291 20.62 46.74 27.31
C GLY A 291 19.58 47.18 28.31
N SER A 292 18.50 47.75 27.77
CA SER A 292 17.42 48.28 28.59
C SER A 292 16.68 47.16 29.31
N ASN A 293 16.17 47.50 30.51
CA ASN A 293 15.31 46.59 31.26
C ASN A 293 13.84 46.86 30.93
N THR A 294 13.55 46.81 29.63
CA THR A 294 12.22 47.06 29.09
C THR A 294 11.71 45.79 28.41
N TYR A 295 10.51 45.88 27.86
CA TYR A 295 9.90 44.69 27.26
C TYR A 295 10.51 44.36 25.90
N GLU A 296 10.66 45.35 25.03
CA GLU A 296 10.95 45.10 23.62
C GLU A 296 12.34 44.52 23.42
N GLU A 297 13.36 45.14 24.01
CA GLU A 297 14.73 44.66 23.81
C GLU A 297 14.95 43.30 24.45
N ALA A 298 14.41 43.08 25.66
CA ALA A 298 14.53 41.79 26.31
C ALA A 298 13.79 40.70 25.54
N ALA A 299 12.60 41.02 25.02
CA ALA A 299 11.85 40.05 24.24
C ALA A 299 12.58 39.69 22.96
N ALA A 300 13.15 40.68 22.27
CA ALA A 300 13.94 40.41 21.07
C ALA A 300 15.18 39.59 21.40
N TYR A 301 15.81 39.86 22.55
CA TYR A 301 16.97 39.10 22.98
C TYR A 301 16.61 37.64 23.23
N ILE A 302 15.49 37.39 23.92
CA ILE A 302 15.04 36.02 24.16
C ILE A 302 14.69 35.32 22.85
N GLN A 303 14.01 36.04 21.95
CA GLN A 303 13.61 35.45 20.68
C GLN A 303 14.81 35.06 19.82
N CYS A 304 15.79 35.94 19.72
CA CYS A 304 17.01 35.63 18.97
C CYS A 304 17.82 34.53 19.65
N GLN A 305 17.88 34.56 20.99
CA GLN A 305 18.60 33.55 21.74
C GLN A 305 17.96 32.17 21.59
N PHE A 306 16.65 32.10 21.39
CA PHE A 306 16.05 30.82 21.00
C PHE A 306 16.36 30.46 19.55
N GLU A 307 16.26 31.44 18.63
CA GLU A 307 16.42 31.11 17.21
C GLU A 307 17.82 30.63 16.88
N ASP A 308 18.86 31.23 17.46
CA ASP A 308 20.22 30.90 17.05
C ASP A 308 20.67 29.50 17.47
N LEU A 309 19.88 28.81 18.30
CA LEU A 309 20.25 27.45 18.71
C LEU A 309 20.21 26.46 17.56
N ASN A 310 19.41 26.72 16.52
CA ASN A 310 19.32 25.78 15.42
C ASN A 310 20.61 25.79 14.59
N LYS A 311 21.08 24.61 14.24
CA LYS A 311 22.30 24.47 13.44
C LYS A 311 22.00 24.22 11.98
N ARG A 312 20.73 24.13 11.60
CA ARG A 312 20.31 23.96 10.21
C ARG A 312 19.29 25.06 9.90
N LYS A 313 19.80 26.24 9.52
CA LYS A 313 18.93 27.36 9.23
C LYS A 313 18.22 27.23 7.89
N ASP A 314 18.88 26.64 6.89
CA ASP A 314 18.29 26.58 5.56
C ASP A 314 17.20 25.52 5.44
N THR A 315 17.27 24.46 6.26
CA THR A 315 16.30 23.39 6.15
C THR A 315 14.95 23.77 6.77
N LYS A 316 14.97 24.52 7.87
CA LYS A 316 13.74 24.91 8.55
C LYS A 316 13.92 26.26 9.21
N GLU A 317 12.80 26.94 9.43
CA GLU A 317 12.80 28.28 10.01
C GLU A 317 11.88 28.33 11.23
N ILE A 318 12.33 28.99 12.28
CA ILE A 318 11.60 29.09 13.53
C ILE A 318 10.63 30.27 13.43
N TYR A 319 9.34 29.97 13.29
CA TYR A 319 8.30 31.00 13.18
C TYR A 319 7.86 31.42 14.58
N THR A 320 8.69 32.27 15.20
CA THR A 320 8.41 32.72 16.57
C THR A 320 7.25 33.70 16.59
N HIS A 321 6.24 33.41 17.41
CA HIS A 321 5.07 34.26 17.57
C HIS A 321 4.72 34.47 19.03
N PHE A 322 4.42 35.71 19.39
CA PHE A 322 4.09 36.10 20.76
C PHE A 322 2.60 35.84 20.98
N THR A 323 2.31 34.71 21.63
CA THR A 323 0.93 34.24 21.81
C THR A 323 0.09 35.16 22.70
N CYS A 324 0.63 35.54 23.87
CA CYS A 324 -0.06 36.33 24.90
C CYS A 324 -1.41 35.69 25.21
N ALA A 325 -2.50 36.46 25.27
CA ALA A 325 -3.85 35.95 25.43
C ALA A 325 -4.70 36.28 24.22
N THR A 326 -4.06 36.74 23.14
CA THR A 326 -4.74 37.19 21.93
C THR A 326 -5.62 36.11 21.31
N ASP A 327 -6.84 36.50 20.97
CA ASP A 327 -7.88 35.59 20.51
C ASP A 327 -7.98 35.69 19.00
N THR A 328 -7.93 34.53 18.32
CA THR A 328 -8.11 34.31 16.88
C THR A 328 -6.93 34.82 16.07
N LYS A 329 -5.83 35.22 16.72
CA LYS A 329 -4.62 35.64 16.04
C LYS A 329 -3.56 34.55 16.03
N ASN A 330 -3.75 33.48 16.78
CA ASN A 330 -2.80 32.39 16.88
C ASN A 330 -3.03 31.33 15.83
N VAL A 331 -4.28 30.95 15.63
CA VAL A 331 -4.59 29.87 14.70
C VAL A 331 -4.32 30.32 13.27
N GLN A 332 -4.64 31.58 12.94
CA GLN A 332 -4.27 32.14 11.65
C GLN A 332 -2.76 32.09 11.43
N PHE A 333 -1.96 32.39 12.46
CA PHE A 333 -0.51 32.31 12.32
C PHE A 333 -0.06 30.86 12.13
N VAL A 334 -0.68 29.92 12.84
CA VAL A 334 -0.36 28.51 12.65
C VAL A 334 -0.66 28.09 11.23
N PHE A 335 -1.81 28.52 10.71
CA PHE A 335 -2.19 28.22 9.32
C PHE A 335 -1.20 28.82 8.35
N ASP A 336 -0.77 30.07 8.59
CA ASP A 336 0.19 30.71 7.69
C ASP A 336 1.55 30.02 7.70
N ALA A 337 2.03 29.63 8.89
CA ALA A 337 3.33 28.96 8.97
C ALA A 337 3.26 27.50 8.51
N VAL A 338 2.08 26.92 8.47
CA VAL A 338 1.92 25.54 8.03
C VAL A 338 1.65 25.44 6.52
N THR A 339 1.03 26.46 5.92
CA THR A 339 0.82 26.40 4.47
C THR A 339 2.12 26.35 3.68
N ASP A 340 3.20 26.97 4.18
CA ASP A 340 4.48 26.85 3.48
C ASP A 340 5.04 25.43 3.50
N VAL A 341 4.95 24.73 4.63
CA VAL A 341 5.38 23.33 4.66
C VAL A 341 4.46 22.47 3.81
N ILE A 342 3.15 22.77 3.78
CA ILE A 342 2.23 22.03 2.93
C ILE A 342 2.61 22.21 1.46
N ILE A 343 2.96 23.44 1.06
CA ILE A 343 3.38 23.70 -0.31
C ILE A 343 4.67 22.95 -0.62
N LYS A 344 5.61 22.92 0.33
CA LYS A 344 6.85 22.17 0.13
C LYS A 344 6.58 20.66 -0.03
N ASN A 345 5.66 20.12 0.78
CA ASN A 345 5.28 18.72 0.65
C ASN A 345 4.61 18.44 -0.70
N ASN A 346 3.75 19.36 -1.15
CA ASN A 346 3.13 19.24 -2.46
C ASN A 346 4.18 19.24 -3.57
N LEU A 347 5.17 20.12 -3.46
CA LEU A 347 6.25 20.17 -4.44
C LEU A 347 7.05 18.86 -4.44
N LYS A 348 7.31 18.30 -3.25
CA LYS A 348 8.07 17.05 -3.18
C LYS A 348 7.28 15.88 -3.74
N ASP A 349 5.97 15.83 -3.49
CA ASP A 349 5.20 14.67 -3.92
C ASP A 349 4.73 14.77 -5.36
N CYS A 350 4.50 15.98 -5.88
CA CYS A 350 4.11 16.15 -7.27
C CYS A 350 5.24 15.86 -8.25
N GLY A 351 6.47 15.71 -7.78
CA GLY A 351 7.57 15.33 -8.62
C GLY A 351 8.29 16.44 -9.35
N LEU A 352 8.07 17.70 -8.95
CA LEU A 352 8.80 18.79 -9.58
C LEU A 352 10.29 18.70 -9.28
N PHE A 353 10.65 18.34 -8.06
CA PHE A 353 12.06 18.16 -7.71
C PHE A 353 12.27 16.87 -6.94
N ASP B 10 23.66 6.00 53.60
CA ASP B 10 24.47 5.35 54.61
C ASP B 10 25.59 4.53 53.98
N GLN B 11 25.98 3.47 54.66
CA GLN B 11 26.95 2.51 54.14
C GLN B 11 26.30 1.44 53.26
N LEU B 12 24.98 1.50 53.08
CA LEU B 12 24.28 0.51 52.27
C LEU B 12 24.72 0.54 50.82
N ARG B 13 25.13 1.70 50.31
CA ARG B 13 25.67 1.75 48.95
C ARG B 13 27.02 1.06 48.86
N GLN B 14 27.85 1.21 49.90
CA GLN B 14 29.09 0.45 49.98
C GLN B 14 28.83 -1.04 50.05
N GLU B 15 27.82 -1.44 50.84
CA GLU B 15 27.44 -2.84 50.92
C GLU B 15 26.95 -3.37 49.58
N ALA B 16 26.16 -2.56 48.86
CA ALA B 16 25.67 -2.97 47.55
C ALA B 16 26.82 -3.10 46.55
N GLU B 17 27.79 -2.18 46.60
CA GLU B 17 28.95 -2.29 45.72
C GLU B 17 29.77 -3.53 46.03
N GLN B 18 29.95 -3.84 47.32
CA GLN B 18 30.65 -5.06 47.72
C GLN B 18 29.89 -6.30 47.26
N LEU B 19 28.56 -6.26 47.35
CA LEU B 19 27.74 -7.39 46.92
C LEU B 19 27.82 -7.59 45.40
N LYS B 20 27.80 -6.50 44.64
CA LYS B 20 27.96 -6.59 43.19
C LYS B 20 29.35 -7.11 42.82
N ASN B 21 30.37 -6.69 43.57
CA ASN B 21 31.71 -7.24 43.39
C ASN B 21 31.74 -8.74 43.68
N GLN B 22 31.03 -9.17 44.72
CA GLN B 22 30.93 -10.60 45.02
C GLN B 22 30.23 -11.36 43.91
N ILE B 23 29.17 -10.77 43.34
CA ILE B 23 28.46 -11.40 42.22
C ILE B 23 29.39 -11.55 41.01
N ARG B 24 30.13 -10.48 40.70
CA ARG B 24 31.06 -10.53 39.58
C ARG B 24 32.17 -11.55 39.82
N ASP B 25 32.68 -11.62 41.04
CA ASP B 25 33.72 -12.59 41.37
C ASP B 25 33.20 -14.02 41.29
N ALA B 26 31.95 -14.24 41.71
CA ALA B 26 31.32 -15.56 41.59
C ALA B 26 31.13 -15.93 40.12
N ARG B 27 30.75 -14.96 39.29
CA ARG B 27 30.61 -15.21 37.86
C ARG B 27 31.94 -15.55 37.22
N LYS B 28 33.02 -14.87 37.63
CA LYS B 28 34.32 -15.20 37.10
C LYS B 28 34.90 -16.47 37.71
N ALA B 29 34.34 -16.94 38.82
CA ALA B 29 34.74 -18.22 39.38
C ALA B 29 34.07 -19.39 38.67
N CYS B 30 32.93 -19.17 38.03
CA CYS B 30 32.24 -20.20 37.28
C CYS B 30 32.45 -20.06 35.77
N ALA B 31 33.43 -19.28 35.36
CA ALA B 31 33.79 -19.15 33.95
C ALA B 31 35.11 -19.86 33.70
N ASP B 32 35.13 -20.75 32.70
CA ASP B 32 36.33 -21.48 32.35
C ASP B 32 36.72 -21.34 30.88
N ALA B 33 35.76 -21.32 29.97
CA ALA B 33 36.05 -21.15 28.56
C ALA B 33 34.85 -20.51 27.87
N THR B 34 35.12 -19.57 26.98
CA THR B 34 34.06 -18.88 26.25
C THR B 34 33.41 -19.80 25.22
N LEU B 35 32.22 -19.41 24.78
CA LEU B 35 31.48 -20.16 23.78
C LEU B 35 32.24 -20.26 22.46
N SER B 36 33.02 -19.23 22.12
CA SER B 36 33.86 -19.30 20.92
C SER B 36 34.93 -20.38 21.06
N GLN B 37 35.52 -20.51 22.26
CA GLN B 37 36.49 -21.58 22.50
C GLN B 37 35.83 -22.95 22.41
N ILE B 38 34.61 -23.08 22.94
CA ILE B 38 33.90 -24.36 22.91
C ILE B 38 33.56 -24.75 21.48
N THR B 39 32.99 -23.83 20.71
CA THR B 39 32.55 -24.10 19.35
C THR B 39 33.56 -23.60 18.31
N ASN B 40 34.84 -23.58 18.66
CA ASN B 40 35.86 -23.29 17.66
C ASN B 40 36.15 -24.47 16.74
N ASN B 41 35.65 -25.65 17.06
CA ASN B 41 35.92 -26.85 16.28
C ASN B 41 34.75 -27.31 15.42
N ILE B 42 33.56 -26.75 15.58
CA ILE B 42 32.43 -27.14 14.76
C ILE B 42 32.46 -26.38 13.44
N ASP B 43 31.96 -27.01 12.40
CA ASP B 43 31.96 -26.39 11.08
C ASP B 43 30.94 -25.26 11.00
N PRO B 44 31.23 -24.22 10.21
CA PRO B 44 30.29 -23.10 10.13
C PRO B 44 29.04 -23.46 9.34
N VAL B 45 28.02 -22.62 9.48
CA VAL B 45 26.77 -22.83 8.77
C VAL B 45 26.83 -22.42 7.30
N GLY B 46 27.91 -21.76 6.88
CA GLY B 46 27.99 -21.27 5.53
C GLY B 46 27.18 -20.01 5.33
N ARG B 47 27.26 -19.48 4.12
CA ARG B 47 26.47 -18.30 3.79
CA ARG B 47 26.48 -18.30 3.77
C ARG B 47 25.00 -18.67 3.67
N ILE B 48 24.14 -17.86 4.27
CA ILE B 48 22.71 -18.12 4.32
C ILE B 48 22.04 -17.16 3.36
N GLN B 49 21.79 -17.63 2.14
CA GLN B 49 21.13 -16.82 1.11
C GLN B 49 19.62 -17.06 1.19
N MET B 50 18.89 -16.07 1.70
CA MET B 50 17.44 -16.15 1.79
C MET B 50 16.84 -15.01 0.98
N ARG B 51 15.92 -15.36 0.09
CA ARG B 51 15.27 -14.40 -0.79
C ARG B 51 13.90 -14.01 -0.24
N THR B 52 13.37 -12.92 -0.80
CA THR B 52 12.09 -12.33 -0.40
C THR B 52 10.97 -13.08 -1.10
N ARG B 53 10.32 -14.00 -0.38
CA ARG B 53 9.24 -14.77 -0.98
C ARG B 53 7.97 -13.95 -1.15
N ARG B 54 7.59 -13.18 -0.13
CA ARG B 54 6.39 -12.37 -0.16
C ARG B 54 6.74 -10.94 0.21
N THR B 55 5.78 -10.03 0.03
CA THR B 55 5.97 -8.63 0.40
C THR B 55 4.60 -8.07 0.76
N LEU B 56 4.36 -7.92 2.06
CA LEU B 56 3.06 -7.54 2.58
C LEU B 56 2.94 -6.03 2.54
N ARG B 57 2.46 -5.52 1.42
CA ARG B 57 2.25 -4.10 1.21
C ARG B 57 0.83 -3.71 1.59
N GLY B 58 0.67 -2.52 2.16
CA GLY B 58 -0.66 -2.05 2.52
C GLY B 58 -0.71 -1.05 3.66
N HIS B 59 0.36 -0.93 4.44
CA HIS B 59 0.39 0.08 5.48
C HIS B 59 0.76 1.42 4.87
N LEU B 60 0.31 2.50 5.52
CA LEU B 60 0.55 3.84 5.02
C LEU B 60 1.58 4.61 5.84
N ALA B 61 2.29 3.96 6.75
CA ALA B 61 3.28 4.64 7.57
C ALA B 61 4.31 3.62 8.03
N LYS B 62 5.19 4.05 8.95
CA LYS B 62 6.25 3.19 9.45
C LYS B 62 5.66 2.07 10.30
N ILE B 63 6.06 0.84 10.01
CA ILE B 63 5.63 -0.32 10.78
C ILE B 63 6.54 -0.48 11.99
N TYR B 64 5.94 -0.57 13.19
CA TYR B 64 6.72 -0.72 14.40
C TYR B 64 6.68 -2.09 15.06
N ALA B 65 5.78 -2.99 14.69
CA ALA B 65 5.79 -4.29 15.34
C ALA B 65 5.14 -5.33 14.44
N MET B 66 5.35 -6.59 14.81
CA MET B 66 4.76 -7.74 14.15
C MET B 66 4.94 -8.96 15.03
N HIS B 67 3.93 -9.81 15.07
CA HIS B 67 4.01 -11.06 15.80
C HIS B 67 3.34 -12.14 14.98
N TRP B 68 4.09 -13.19 14.65
CA TRP B 68 3.53 -14.33 13.93
C TRP B 68 2.55 -15.09 14.79
N GLY B 69 1.61 -15.76 14.13
CA GLY B 69 0.76 -16.69 14.82
C GLY B 69 1.44 -18.01 15.13
N THR B 70 0.83 -18.75 16.05
CA THR B 70 1.34 -20.08 16.39
C THR B 70 1.06 -21.06 15.27
N ASP B 71 0.12 -20.75 14.39
CA ASP B 71 -0.13 -21.55 13.20
C ASP B 71 0.84 -21.22 12.07
N SER B 72 1.73 -20.26 12.28
CA SER B 72 2.82 -19.89 11.38
C SER B 72 2.34 -19.40 10.02
N ARG B 73 1.09 -18.96 9.93
CA ARG B 73 0.56 -18.41 8.69
C ARG B 73 0.09 -16.98 8.84
N LEU B 74 -0.73 -16.68 9.85
CA LEU B 74 -1.22 -15.33 10.06
C LEU B 74 -0.21 -14.50 10.83
N LEU B 75 -0.09 -13.23 10.47
CA LEU B 75 0.77 -12.33 11.22
C LEU B 75 0.11 -10.96 11.33
N VAL B 76 0.12 -10.39 12.53
CA VAL B 76 -0.45 -9.07 12.75
C VAL B 76 0.71 -8.06 12.82
N SER B 77 0.56 -6.95 12.11
CA SER B 77 1.59 -5.91 12.07
C SER B 77 0.95 -4.55 12.25
N ALA B 78 1.53 -3.73 13.13
CA ALA B 78 0.97 -2.42 13.47
C ALA B 78 1.81 -1.29 12.91
N SER B 79 1.15 -0.24 12.43
CA SER B 79 1.86 0.90 11.87
C SER B 79 1.24 2.20 12.37
N GLN B 80 1.96 3.29 12.17
CA GLN B 80 1.53 4.61 12.63
C GLN B 80 0.45 5.24 11.76
N ASP B 81 -0.03 4.56 10.74
CA ASP B 81 -1.16 5.07 9.99
C ASP B 81 -2.49 4.89 10.73
N GLY B 82 -2.46 4.32 11.93
CA GLY B 82 -3.64 4.14 12.73
C GLY B 82 -4.21 2.75 12.69
N LYS B 83 -3.55 1.81 12.02
CA LYS B 83 -4.11 0.49 11.80
C LYS B 83 -3.07 -0.60 12.05
N LEU B 84 -3.58 -1.76 12.44
CA LEU B 84 -2.78 -2.98 12.44
C LEU B 84 -3.51 -4.01 11.60
N ILE B 85 -2.75 -4.68 10.73
CA ILE B 85 -3.29 -5.55 9.70
C ILE B 85 -2.88 -6.98 10.01
N ILE B 86 -3.84 -7.89 9.94
CA ILE B 86 -3.62 -9.32 10.11
C ILE B 86 -3.58 -9.92 8.72
N TRP B 87 -2.40 -10.37 8.32
CA TRP B 87 -2.11 -10.87 6.98
C TRP B 87 -2.08 -12.39 6.96
N ASP B 88 -2.63 -12.94 5.88
CA ASP B 88 -2.43 -14.32 5.49
C ASP B 88 -1.14 -14.35 4.68
N SER B 89 -0.03 -14.62 5.38
CA SER B 89 1.30 -14.48 4.78
C SER B 89 1.55 -15.43 3.61
N TYR B 90 0.86 -16.56 3.54
CA TYR B 90 1.04 -17.47 2.41
C TYR B 90 0.56 -16.84 1.11
N THR B 91 -0.60 -16.18 1.14
CA THR B 91 -1.22 -15.64 -0.05
C THR B 91 -1.18 -14.12 -0.12
N THR B 92 -0.46 -13.49 0.80
CA THR B 92 -0.23 -12.04 0.88
C THR B 92 -1.53 -11.26 1.11
N ASN B 93 -2.61 -11.94 1.50
CA ASN B 93 -3.89 -11.31 1.73
C ASN B 93 -3.87 -10.48 3.01
N LYS B 94 -4.99 -9.81 3.27
CA LYS B 94 -5.21 -9.06 4.50
C LYS B 94 -6.48 -9.64 5.13
N VAL B 95 -6.30 -10.55 6.08
CA VAL B 95 -7.43 -11.16 6.76
C VAL B 95 -8.21 -10.11 7.54
N HIS B 96 -7.51 -9.23 8.24
CA HIS B 96 -8.19 -8.18 8.99
C HIS B 96 -7.40 -6.89 8.88
N ALA B 97 -8.09 -5.76 9.02
CA ALA B 97 -7.44 -4.46 9.11
C ALA B 97 -8.14 -3.69 10.23
N ILE B 98 -7.57 -3.74 11.43
CA ILE B 98 -8.21 -3.20 12.62
C ILE B 98 -7.73 -1.77 12.80
N PRO B 99 -8.62 -0.78 12.77
CA PRO B 99 -8.21 0.62 12.99
C PRO B 99 -8.10 0.92 14.48
N LEU B 100 -7.01 1.59 14.85
CA LEU B 100 -6.73 1.88 16.25
C LEU B 100 -7.53 3.07 16.75
N ARG B 101 -7.74 3.10 18.07
CA ARG B 101 -8.33 4.27 18.69
C ARG B 101 -7.33 5.42 18.74
N SER B 102 -6.05 5.10 18.94
CA SER B 102 -4.98 6.08 18.86
C SER B 102 -3.93 5.57 17.88
N SER B 103 -3.54 6.41 16.93
CA SER B 103 -2.63 6.01 15.86
C SER B 103 -1.22 5.68 16.33
N TRP B 104 -0.87 6.00 17.57
CA TRP B 104 0.50 5.85 18.06
C TRP B 104 0.64 4.47 18.67
N VAL B 105 1.29 3.57 17.93
CA VAL B 105 1.46 2.18 18.35
C VAL B 105 2.92 1.81 18.22
N MET B 106 3.47 1.18 19.27
CA MET B 106 4.84 0.72 19.25
C MET B 106 4.95 -0.79 19.45
N THR B 107 3.83 -1.50 19.58
CA THR B 107 3.90 -2.94 19.78
C THR B 107 2.60 -3.59 19.35
N CYS B 108 2.69 -4.89 19.04
CA CYS B 108 1.51 -5.68 18.76
C CYS B 108 1.86 -7.14 19.02
N ALA B 109 0.82 -7.92 19.34
CA ALA B 109 0.99 -9.34 19.62
C ALA B 109 -0.20 -10.09 19.05
N TYR B 110 0.02 -11.35 18.71
CA TYR B 110 -1.03 -12.22 18.21
C TYR B 110 -1.08 -13.39 19.18
N ALA B 111 -2.24 -13.62 19.78
CA ALA B 111 -2.37 -14.61 20.84
C ALA B 111 -2.06 -16.01 20.32
N PRO B 112 -1.51 -16.89 21.17
CA PRO B 112 -1.19 -18.26 20.72
C PRO B 112 -2.39 -19.03 20.21
N SER B 113 -3.55 -18.85 20.84
CA SER B 113 -4.76 -19.48 20.33
C SER B 113 -5.22 -18.85 19.03
N GLY B 114 -4.86 -17.58 18.79
CA GLY B 114 -5.28 -16.85 17.62
C GLY B 114 -6.54 -16.03 17.75
N ASN B 115 -7.25 -16.13 18.88
CA ASN B 115 -8.49 -15.37 19.01
C ASN B 115 -8.24 -13.89 19.27
N TYR B 116 -7.17 -13.53 19.97
CA TYR B 116 -6.98 -12.17 20.44
C TYR B 116 -5.75 -11.53 19.82
N VAL B 117 -5.81 -10.21 19.67
CA VAL B 117 -4.69 -9.40 19.19
C VAL B 117 -4.53 -8.20 20.12
N ALA B 118 -3.37 -8.04 20.72
CA ALA B 118 -3.14 -6.90 21.60
C ALA B 118 -2.16 -5.94 20.95
N CYS B 119 -2.35 -4.66 21.22
CA CYS B 119 -1.42 -3.65 20.72
C CYS B 119 -1.41 -2.45 21.66
N GLY B 120 -0.27 -1.80 21.76
CA GLY B 120 -0.12 -0.67 22.65
C GLY B 120 0.86 0.34 22.08
N GLY B 121 0.81 1.55 22.63
CA GLY B 121 1.67 2.60 22.15
C GLY B 121 1.86 3.74 23.13
N LEU B 122 1.86 4.97 22.63
CA LEU B 122 1.98 6.14 23.46
C LEU B 122 0.70 6.49 24.21
N ASP B 123 -0.40 5.78 23.93
CA ASP B 123 -1.66 5.99 24.63
C ASP B 123 -1.70 5.36 26.02
N ASN B 124 -0.65 4.63 26.40
CA ASN B 124 -0.49 3.98 27.70
C ASN B 124 -1.53 2.91 27.96
N ILE B 125 -2.13 2.37 26.90
CA ILE B 125 -3.18 1.36 27.02
C ILE B 125 -2.83 0.23 26.07
N CYS B 126 -2.81 -1.00 26.60
CA CYS B 126 -2.76 -2.17 25.74
C CYS B 126 -4.20 -2.54 25.40
N SER B 127 -4.60 -2.28 24.16
CA SER B 127 -5.93 -2.61 23.72
C SER B 127 -5.91 -4.02 23.14
N ILE B 128 -6.83 -4.85 23.60
CA ILE B 128 -6.93 -6.24 23.19
C ILE B 128 -8.21 -6.41 22.41
N TYR B 129 -8.06 -6.81 21.15
CA TYR B 129 -9.13 -7.03 20.19
C TYR B 129 -9.47 -8.50 20.10
N ASN B 130 -10.77 -8.79 20.04
CA ASN B 130 -11.27 -10.16 19.92
C ASN B 130 -11.58 -10.41 18.46
N LEU B 131 -10.79 -11.28 17.81
CA LEU B 131 -10.95 -11.51 16.38
C LEU B 131 -12.08 -12.49 16.08
N LYS B 132 -11.92 -13.74 16.53
CA LYS B 132 -12.84 -14.82 16.19
C LYS B 132 -14.07 -14.74 17.10
N THR B 133 -14.82 -13.67 16.91
CA THR B 133 -16.09 -13.42 17.57
C THR B 133 -17.21 -13.52 16.54
N ARG B 134 -18.43 -13.32 17.02
CA ARG B 134 -19.58 -13.18 16.13
C ARG B 134 -19.54 -11.79 15.51
N GLU B 135 -20.58 -11.44 14.76
CA GLU B 135 -20.78 -10.14 14.11
C GLU B 135 -19.66 -9.74 13.14
N GLY B 136 -18.71 -10.62 12.85
CA GLY B 136 -17.80 -10.41 11.74
C GLY B 136 -16.70 -9.39 11.94
N ASN B 137 -16.96 -8.35 12.72
CA ASN B 137 -16.01 -7.27 12.88
C ASN B 137 -15.11 -7.54 14.09
N VAL B 138 -14.12 -6.67 14.26
CA VAL B 138 -13.15 -6.79 15.34
C VAL B 138 -13.43 -5.68 16.34
N ARG B 139 -13.66 -6.06 17.59
CA ARG B 139 -14.03 -5.14 18.65
C ARG B 139 -13.02 -5.25 19.79
N VAL B 140 -12.86 -4.15 20.53
CA VAL B 140 -11.97 -4.14 21.68
C VAL B 140 -12.49 -5.10 22.75
N SER B 141 -11.77 -6.19 22.97
CA SER B 141 -12.14 -7.08 24.07
C SER B 141 -11.88 -6.41 25.41
N ARG B 142 -10.74 -5.73 25.53
CA ARG B 142 -10.40 -5.08 26.80
C ARG B 142 -9.28 -4.07 26.59
N GLU B 143 -9.50 -2.84 27.07
CA GLU B 143 -8.48 -1.79 27.02
C GLU B 143 -7.82 -1.71 28.39
N LEU B 144 -6.61 -2.25 28.50
CA LEU B 144 -5.88 -2.32 29.77
C LEU B 144 -5.09 -1.03 29.95
N ALA B 145 -5.45 -0.26 30.98
CA ALA B 145 -4.79 0.98 31.31
C ALA B 145 -4.23 0.89 32.73
N GLY B 146 -3.19 1.67 33.00
CA GLY B 146 -2.54 1.64 34.29
C GLY B 146 -1.04 1.87 34.24
N HIS B 147 -0.47 1.93 33.05
CA HIS B 147 0.92 2.35 32.91
C HIS B 147 1.00 3.87 32.78
N THR B 148 2.16 4.42 33.17
CA THR B 148 2.36 5.86 33.14
C THR B 148 3.51 6.27 32.22
N GLY B 149 4.05 5.35 31.43
CA GLY B 149 5.16 5.66 30.54
C GLY B 149 4.76 5.61 29.09
N TYR B 150 5.05 4.49 28.43
CA TYR B 150 4.63 4.19 27.07
C TYR B 150 4.86 2.69 26.87
N LEU B 151 3.88 1.98 26.33
CA LEU B 151 4.04 0.53 26.20
C LEU B 151 4.93 0.21 25.01
N SER B 152 5.96 -0.60 25.25
CA SER B 152 6.86 -1.00 24.19
C SER B 152 6.70 -2.44 23.75
N CYS B 153 6.05 -3.28 24.55
CA CYS B 153 5.86 -4.68 24.15
C CYS B 153 4.69 -5.27 24.94
N CYS B 154 3.61 -5.59 24.24
CA CYS B 154 2.56 -6.45 24.78
C CYS B 154 2.81 -7.86 24.27
N ARG B 155 2.76 -8.84 25.17
CA ARG B 155 2.97 -10.23 24.80
C ARG B 155 1.95 -11.11 25.52
N PHE B 156 1.41 -12.09 24.80
CA PHE B 156 0.36 -12.95 25.34
C PHE B 156 0.94 -14.20 25.99
N LEU B 157 0.48 -14.49 27.21
CA LEU B 157 0.73 -15.78 27.83
C LEU B 157 -0.34 -16.80 27.46
N ASP B 158 -1.59 -16.44 27.69
CA ASP B 158 -2.76 -17.27 27.36
C ASP B 158 -3.79 -16.35 26.71
N ASP B 159 -5.02 -16.83 26.60
CA ASP B 159 -6.10 -15.95 26.18
C ASP B 159 -6.54 -14.99 27.28
N ASN B 160 -6.07 -15.17 28.51
CA ASN B 160 -6.57 -14.37 29.63
C ASN B 160 -5.47 -13.65 30.41
N GLN B 161 -4.20 -13.91 30.15
CA GLN B 161 -3.11 -13.21 30.80
C GLN B 161 -2.19 -12.58 29.77
N ILE B 162 -1.71 -11.38 30.05
CA ILE B 162 -0.84 -10.67 29.12
C ILE B 162 0.20 -9.87 29.90
N VAL B 163 1.47 -10.00 29.52
CA VAL B 163 2.55 -9.24 30.15
C VAL B 163 2.91 -8.08 29.23
N THR B 164 2.87 -6.87 29.79
CA THR B 164 3.14 -5.65 29.05
C THR B 164 4.28 -4.90 29.72
N SER B 165 5.26 -4.49 28.94
CA SER B 165 6.40 -3.73 29.44
C SER B 165 6.25 -2.29 28.98
N SER B 166 6.38 -1.35 29.90
CA SER B 166 6.11 0.04 29.55
C SER B 166 7.33 0.91 29.81
N GLY B 167 7.14 2.20 29.57
CA GLY B 167 8.18 3.20 29.75
C GLY B 167 8.19 3.85 31.10
N ASP B 168 7.48 3.29 32.08
CA ASP B 168 7.55 3.72 33.46
C ASP B 168 8.47 2.82 34.28
N THR B 169 9.43 2.18 33.60
CA THR B 169 10.43 1.26 34.15
C THR B 169 9.80 -0.01 34.73
N THR B 170 8.57 -0.33 34.35
CA THR B 170 7.87 -1.48 34.92
C THR B 170 7.32 -2.37 33.82
N CYS B 171 7.32 -3.68 34.11
CA CYS B 171 6.47 -4.62 33.40
C CYS B 171 5.23 -4.89 34.25
N ALA B 172 4.26 -5.58 33.66
CA ALA B 172 3.04 -5.88 34.39
C ALA B 172 2.40 -7.12 33.80
N LEU B 173 1.64 -7.83 34.62
CA LEU B 173 0.92 -9.02 34.21
C LEU B 173 -0.57 -8.74 34.41
N TRP B 174 -1.27 -8.45 33.31
CA TRP B 174 -2.67 -8.13 33.34
C TRP B 174 -3.50 -9.38 33.21
N ASP B 175 -4.53 -9.50 34.04
CA ASP B 175 -5.60 -10.47 33.88
C ASP B 175 -6.67 -9.81 33.03
N ILE B 176 -6.86 -10.32 31.81
CA ILE B 176 -7.64 -9.61 30.79
C ILE B 176 -9.10 -9.48 31.19
N GLU B 177 -9.71 -10.55 31.69
CA GLU B 177 -11.15 -10.51 31.95
C GLU B 177 -11.49 -9.62 33.14
N THR B 178 -10.58 -9.47 34.10
CA THR B 178 -10.79 -8.50 35.17
C THR B 178 -10.32 -7.10 34.77
N GLY B 179 -9.21 -7.01 34.05
CA GLY B 179 -8.64 -5.74 33.67
C GLY B 179 -7.57 -5.22 34.60
N GLN B 180 -7.52 -5.72 35.83
CA GLN B 180 -6.55 -5.28 36.82
C GLN B 180 -5.28 -6.11 36.70
N GLN B 181 -4.13 -5.44 36.69
CA GLN B 181 -2.85 -6.13 36.62
C GLN B 181 -2.61 -6.96 37.87
N THR B 182 -2.22 -8.22 37.67
CA THR B 182 -2.01 -9.12 38.80
C THR B 182 -0.72 -8.78 39.54
N THR B 183 0.41 -8.85 38.86
CA THR B 183 1.72 -8.58 39.44
C THR B 183 2.42 -7.49 38.63
N THR B 184 3.01 -6.53 39.32
CA THR B 184 3.80 -5.48 38.68
C THR B 184 5.27 -5.80 38.88
N PHE B 185 6.02 -5.89 37.78
CA PHE B 185 7.43 -6.19 37.81
C PHE B 185 8.20 -4.87 37.82
N THR B 186 8.56 -4.41 39.01
CA THR B 186 9.38 -3.23 39.20
C THR B 186 10.80 -3.64 39.54
N GLY B 187 11.76 -2.77 39.23
CA GLY B 187 13.14 -3.07 39.49
C GLY B 187 14.07 -2.52 38.42
N HIS B 188 13.50 -2.07 37.32
CA HIS B 188 14.28 -1.39 36.30
C HIS B 188 14.40 0.09 36.63
N THR B 189 15.46 0.71 36.10
CA THR B 189 15.67 2.14 36.29
C THR B 189 15.37 2.95 35.04
N GLY B 190 15.51 2.36 33.85
CA GLY B 190 15.16 3.01 32.61
C GLY B 190 13.91 2.40 31.98
N ASP B 191 13.52 2.99 30.85
CA ASP B 191 12.35 2.52 30.13
C ASP B 191 12.58 1.12 29.59
N VAL B 192 11.60 0.24 29.77
CA VAL B 192 11.71 -1.15 29.37
C VAL B 192 11.25 -1.26 27.92
N MET B 193 12.20 -1.48 27.01
CA MET B 193 11.88 -1.37 25.59
C MET B 193 11.47 -2.68 24.94
N SER B 194 11.62 -3.82 25.62
CA SER B 194 11.32 -5.10 24.97
C SER B 194 11.00 -6.15 26.03
N LEU B 195 10.49 -7.27 25.55
CA LEU B 195 9.99 -8.35 26.40
C LEU B 195 9.91 -9.61 25.56
N SER B 196 10.19 -10.75 26.16
CA SER B 196 10.18 -12.02 25.45
C SER B 196 9.85 -13.15 26.41
N LEU B 197 8.83 -13.94 26.08
CA LEU B 197 8.42 -15.05 26.93
C LEU B 197 9.27 -16.29 26.69
N ALA B 198 9.57 -16.99 27.77
CA ALA B 198 10.16 -18.31 27.67
C ALA B 198 9.18 -19.27 27.00
N PRO B 199 9.67 -20.32 26.31
CA PRO B 199 8.76 -21.25 25.63
C PRO B 199 7.77 -21.93 26.56
N ASP B 200 8.13 -22.18 27.81
CA ASP B 200 7.19 -22.75 28.77
C ASP B 200 6.31 -21.70 29.43
N THR B 201 6.51 -20.42 29.11
CA THR B 201 5.76 -19.29 29.67
C THR B 201 5.79 -19.29 31.20
N ARG B 202 6.95 -19.60 31.76
CA ARG B 202 7.16 -19.57 33.20
C ARG B 202 8.03 -18.42 33.66
N LEU B 203 9.02 -18.03 32.86
CA LEU B 203 9.84 -16.85 33.10
C LEU B 203 9.78 -15.96 31.87
N PHE B 204 10.27 -14.74 32.01
CA PHE B 204 10.48 -13.90 30.84
C PHE B 204 11.63 -12.94 31.12
N VAL B 205 12.10 -12.29 30.06
CA VAL B 205 13.22 -11.36 30.13
C VAL B 205 12.78 -10.01 29.59
N SER B 206 13.16 -8.96 30.29
CA SER B 206 12.87 -7.59 29.88
C SER B 206 14.17 -6.83 29.75
N GLY B 207 14.39 -6.21 28.60
CA GLY B 207 15.56 -5.38 28.37
C GLY B 207 15.17 -3.91 28.42
N ALA B 208 15.88 -3.15 29.24
CA ALA B 208 15.49 -1.76 29.42
C ALA B 208 16.59 -0.82 28.94
N CYS B 209 16.32 0.47 29.05
CA CYS B 209 17.24 1.52 28.64
C CYS B 209 18.30 1.82 29.70
N ASP B 210 18.48 0.93 30.68
CA ASP B 210 19.58 1.03 31.61
C ASP B 210 20.68 0.02 31.30
N ALA B 211 20.69 -0.50 30.06
CA ALA B 211 21.67 -1.48 29.59
C ALA B 211 21.64 -2.75 30.42
N SER B 212 20.44 -3.19 30.79
CA SER B 212 20.28 -4.38 31.61
C SER B 212 19.06 -5.16 31.17
N ALA B 213 19.21 -6.48 31.17
CA ALA B 213 18.11 -7.41 30.93
C ALA B 213 17.84 -8.20 32.19
N LYS B 214 16.60 -8.19 32.65
CA LYS B 214 16.24 -8.86 33.89
C LYS B 214 15.30 -10.02 33.63
N LEU B 215 15.52 -11.12 34.34
CA LEU B 215 14.75 -12.36 34.20
C LEU B 215 13.70 -12.38 35.30
N TRP B 216 12.47 -12.04 34.93
CA TRP B 216 11.36 -12.02 35.87
C TRP B 216 10.67 -13.37 35.89
N ASP B 217 10.18 -13.73 37.07
CA ASP B 217 9.41 -14.96 37.27
C ASP B 217 7.93 -14.61 37.23
N VAL B 218 7.20 -15.30 36.34
CA VAL B 218 5.80 -14.97 36.09
C VAL B 218 4.94 -15.28 37.31
N ARG B 219 5.13 -16.47 37.89
CA ARG B 219 4.23 -16.93 38.95
C ARG B 219 4.48 -16.23 40.29
N GLU B 220 5.70 -15.76 40.52
CA GLU B 220 6.02 -15.12 41.79
C GLU B 220 5.85 -13.60 41.74
N GLY B 221 6.49 -12.95 40.77
CA GLY B 221 6.42 -11.51 40.64
C GLY B 221 7.69 -10.77 41.00
N MET B 222 8.80 -11.47 41.17
CA MET B 222 10.06 -10.84 41.55
C MET B 222 11.15 -11.29 40.60
N CYS B 223 12.09 -10.38 40.32
CA CYS B 223 13.21 -10.69 39.45
C CYS B 223 14.11 -11.73 40.09
N ARG B 224 14.64 -12.62 39.26
CA ARG B 224 15.54 -13.67 39.72
C ARG B 224 16.99 -13.38 39.38
N GLN B 225 17.27 -12.92 38.16
CA GLN B 225 18.62 -12.67 37.70
C GLN B 225 18.66 -11.37 36.91
N THR B 226 19.80 -10.68 36.99
CA THR B 226 20.00 -9.43 36.26
C THR B 226 21.29 -9.56 35.45
N PHE B 227 21.20 -9.23 34.16
CA PHE B 227 22.32 -9.36 33.24
C PHE B 227 22.70 -7.98 32.73
N THR B 228 23.97 -7.61 32.94
CA THR B 228 24.56 -6.40 32.43
C THR B 228 25.70 -6.78 31.49
N GLY B 229 26.18 -5.79 30.76
CA GLY B 229 27.27 -6.02 29.82
C GLY B 229 27.15 -5.17 28.58
N HIS B 230 26.00 -4.52 28.41
CA HIS B 230 25.83 -3.58 27.33
C HIS B 230 26.27 -2.19 27.79
N GLU B 231 26.81 -1.41 26.85
CA GLU B 231 27.14 -0.02 27.14
C GLU B 231 25.97 0.93 26.86
N SER B 232 25.04 0.56 25.98
CA SER B 232 23.99 1.50 25.61
C SER B 232 22.60 0.91 25.80
N ASP B 233 21.58 1.63 25.32
CA ASP B 233 20.19 1.24 25.52
C ASP B 233 19.88 -0.07 24.80
N ILE B 234 18.97 -0.86 25.38
CA ILE B 234 18.59 -2.16 24.83
C ILE B 234 17.25 -2.01 24.13
N ASN B 235 17.18 -2.37 22.85
CA ASN B 235 15.95 -2.24 22.09
C ASN B 235 15.27 -3.55 21.75
N ALA B 236 15.89 -4.69 22.03
CA ALA B 236 15.29 -5.96 21.65
C ALA B 236 15.84 -7.06 22.53
N ILE B 237 15.09 -8.17 22.56
CA ILE B 237 15.46 -9.32 23.38
C ILE B 237 14.65 -10.52 22.88
N CYS B 238 15.25 -11.70 22.96
CA CYS B 238 14.58 -12.92 22.49
C CYS B 238 15.21 -14.15 23.10
N PHE B 239 14.37 -15.06 23.62
CA PHE B 239 14.89 -16.32 24.15
C PHE B 239 15.40 -17.27 23.08
N PHE B 240 16.52 -17.89 23.40
CA PHE B 240 16.98 -19.05 22.67
C PHE B 240 15.95 -20.15 22.83
N PRO B 241 15.66 -20.93 21.79
CA PRO B 241 14.54 -21.90 21.85
C PRO B 241 14.66 -22.95 22.95
N ASN B 242 15.87 -23.28 23.39
CA ASN B 242 16.04 -24.18 24.53
C ASN B 242 15.48 -23.58 25.82
N GLY B 243 15.39 -22.26 25.91
CA GLY B 243 14.88 -21.61 27.09
C GLY B 243 15.90 -21.26 28.15
N ASN B 244 17.17 -21.61 27.93
CA ASN B 244 18.22 -21.35 28.91
C ASN B 244 19.25 -20.35 28.40
N ALA B 245 18.85 -19.49 27.46
CA ALA B 245 19.69 -18.42 26.95
C ALA B 245 18.79 -17.42 26.26
N PHE B 246 19.33 -16.23 26.00
CA PHE B 246 18.58 -15.21 25.29
C PHE B 246 19.54 -14.18 24.72
N ALA B 247 19.26 -13.75 23.50
CA ALA B 247 20.02 -12.67 22.89
C ALA B 247 19.50 -11.31 23.35
N THR B 248 20.29 -10.28 23.13
CA THR B 248 19.95 -8.94 23.58
C THR B 248 20.48 -7.94 22.56
N GLY B 249 19.57 -7.32 21.81
CA GLY B 249 19.94 -6.30 20.85
C GLY B 249 19.97 -4.92 21.47
N SER B 250 21.05 -4.18 21.23
CA SER B 250 21.17 -2.87 21.85
C SER B 250 21.47 -1.77 20.84
N ASP B 251 21.72 -0.56 21.34
CA ASP B 251 22.15 0.56 20.52
C ASP B 251 23.66 0.67 20.43
N ASP B 252 24.38 -0.30 20.99
CA ASP B 252 25.83 -0.36 20.95
C ASP B 252 26.26 -1.11 19.67
N ALA B 253 25.32 -1.33 18.75
CA ALA B 253 25.52 -1.99 17.46
C ALA B 253 26.01 -3.43 17.62
N THR B 254 25.66 -4.06 18.72
CA THR B 254 26.02 -5.45 18.97
C THR B 254 24.90 -6.17 19.70
N CYS B 255 24.65 -7.41 19.29
CA CYS B 255 23.82 -8.32 20.05
C CYS B 255 24.69 -9.11 21.01
N ARG B 256 24.15 -9.40 22.19
CA ARG B 256 24.88 -10.11 23.22
C ARG B 256 24.06 -11.33 23.64
N LEU B 257 24.58 -12.52 23.37
CA LEU B 257 23.94 -13.76 23.79
C LEU B 257 24.37 -14.05 25.21
N PHE B 258 23.41 -13.97 26.14
CA PHE B 258 23.59 -14.35 27.54
C PHE B 258 23.16 -15.80 27.74
N ASP B 259 23.05 -16.22 29.00
CA ASP B 259 22.47 -17.50 29.35
C ASP B 259 21.96 -17.44 30.78
N LEU B 260 20.92 -18.23 31.06
CA LEU B 260 20.25 -18.18 32.35
C LEU B 260 20.93 -19.05 33.40
N ARG B 261 21.36 -20.26 33.02
CA ARG B 261 21.89 -21.20 34.00
C ARG B 261 23.26 -20.78 34.49
N ALA B 262 24.13 -20.32 33.59
CA ALA B 262 25.44 -19.86 34.01
C ALA B 262 25.45 -18.41 34.48
N ASP B 263 24.41 -17.64 34.14
CA ASP B 263 24.19 -16.28 34.63
C ASP B 263 25.37 -15.36 34.31
N GLN B 264 25.74 -15.33 33.04
CA GLN B 264 26.91 -14.57 32.59
C GLN B 264 26.66 -14.12 31.16
N GLU B 265 27.70 -13.58 30.55
CA GLU B 265 27.71 -13.24 29.14
C GLU B 265 28.37 -14.40 28.41
N LEU B 266 27.74 -14.85 27.33
CA LEU B 266 28.37 -15.87 26.52
C LEU B 266 29.07 -15.30 25.31
N MET B 267 28.34 -14.64 24.43
CA MET B 267 28.96 -14.18 23.20
C MET B 267 28.57 -12.75 22.86
N THR B 268 29.48 -12.04 22.18
CA THR B 268 29.25 -10.71 21.64
C THR B 268 29.33 -10.68 20.12
N TYR B 269 28.37 -9.99 19.50
CA TYR B 269 28.16 -9.98 18.05
C TYR B 269 28.45 -8.63 17.42
N SER B 270 29.52 -7.98 17.84
CA SER B 270 29.87 -6.70 17.23
C SER B 270 30.61 -6.93 15.92
N HIS B 271 30.68 -5.86 15.13
CA HIS B 271 31.37 -5.89 13.84
C HIS B 271 31.74 -4.47 13.47
N ASP B 272 32.91 -4.30 12.85
CA ASP B 272 33.42 -2.97 12.54
C ASP B 272 32.56 -2.26 11.49
N ASN B 273 31.94 -2.99 10.59
CA ASN B 273 31.19 -2.38 9.50
C ASN B 273 29.84 -1.83 9.95
N ILE B 274 29.34 -2.22 11.11
CA ILE B 274 28.06 -1.75 11.63
C ILE B 274 28.32 -0.89 12.86
N ILE B 275 27.75 0.31 12.87
CA ILE B 275 27.96 1.25 13.97
C ILE B 275 26.67 1.68 14.65
N CYS B 276 25.53 1.63 13.98
CA CYS B 276 24.25 1.95 14.57
C CYS B 276 23.55 0.70 15.12
N GLY B 277 22.59 0.93 16.00
CA GLY B 277 22.04 -0.10 16.87
C GLY B 277 21.22 -1.18 16.20
N ILE B 278 20.50 -1.91 17.06
CA ILE B 278 19.62 -3.02 16.67
C ILE B 278 18.22 -2.69 17.16
N THR B 279 17.24 -2.84 16.29
CA THR B 279 15.86 -2.61 16.69
C THR B 279 15.06 -3.88 16.93
N SER B 280 15.52 -5.04 16.44
CA SER B 280 14.77 -6.27 16.63
C SER B 280 15.70 -7.48 16.54
N VAL B 281 15.46 -8.47 17.40
CA VAL B 281 16.23 -9.70 17.46
C VAL B 281 15.25 -10.87 17.55
N SER B 282 15.54 -11.95 16.84
CA SER B 282 14.77 -13.18 16.96
C SER B 282 15.61 -14.35 16.47
N PHE B 283 15.69 -15.40 17.28
CA PHE B 283 16.39 -16.62 16.90
C PHE B 283 15.61 -17.39 15.86
N SER B 284 16.29 -18.32 15.21
CA SER B 284 15.64 -19.28 14.33
C SER B 284 14.96 -20.36 15.17
N LYS B 285 14.40 -21.37 14.50
CA LYS B 285 13.72 -22.44 15.23
C LYS B 285 14.70 -23.29 16.01
N SER B 286 15.83 -23.67 15.40
CA SER B 286 16.84 -24.44 16.10
C SER B 286 17.70 -23.57 17.01
N GLY B 287 17.73 -22.27 16.78
CA GLY B 287 18.54 -21.36 17.56
C GLY B 287 19.97 -21.19 17.07
N ARG B 288 20.38 -21.93 16.04
CA ARG B 288 21.74 -21.78 15.53
C ARG B 288 21.91 -20.44 14.83
N LEU B 289 20.88 -19.96 14.16
CA LEU B 289 20.93 -18.69 13.44
C LEU B 289 20.22 -17.63 14.26
N LEU B 290 20.90 -16.52 14.51
CA LEU B 290 20.36 -15.39 15.23
C LEU B 290 20.14 -14.26 14.24
N LEU B 291 18.88 -13.97 13.96
CA LEU B 291 18.55 -12.91 13.03
C LEU B 291 18.28 -11.63 13.81
N ALA B 292 18.99 -10.56 13.45
CA ALA B 292 18.92 -9.30 14.16
C ALA B 292 18.59 -8.22 13.15
N GLY B 293 17.51 -7.48 13.41
CA GLY B 293 17.12 -6.39 12.54
C GLY B 293 17.83 -5.13 12.97
N TYR B 294 18.52 -4.51 12.04
CA TYR B 294 19.31 -3.32 12.32
C TYR B 294 18.61 -2.09 11.77
N ASP B 295 19.11 -0.93 12.18
CA ASP B 295 18.65 0.36 11.69
C ASP B 295 19.54 0.96 10.59
N ASP B 296 20.54 0.21 10.10
CA ASP B 296 21.23 0.59 8.87
C ASP B 296 20.56 -0.02 7.64
N PHE B 297 19.25 -0.24 7.71
CA PHE B 297 18.31 -0.58 6.65
C PHE B 297 18.37 -2.06 6.29
N ASN B 298 19.26 -2.84 6.88
CA ASN B 298 19.40 -4.25 6.51
C ASN B 298 19.46 -5.11 7.76
N CYS B 299 18.88 -6.31 7.66
CA CYS B 299 18.98 -7.33 8.68
C CYS B 299 20.29 -8.10 8.56
N ASN B 300 20.74 -8.65 9.68
CA ASN B 300 21.95 -9.47 9.70
C ASN B 300 21.65 -10.81 10.34
N VAL B 301 22.15 -11.87 9.73
CA VAL B 301 21.95 -13.24 10.21
C VAL B 301 23.29 -13.72 10.71
N TRP B 302 23.38 -13.97 12.01
CA TRP B 302 24.61 -14.35 12.69
C TRP B 302 24.62 -15.84 13.00
N ASP B 303 25.75 -16.48 12.78
CA ASP B 303 25.97 -17.85 13.20
C ASP B 303 26.17 -17.86 14.71
N ALA B 304 25.07 -18.03 15.47
CA ALA B 304 25.06 -17.78 16.90
C ALA B 304 25.97 -18.68 17.74
N LEU B 305 26.68 -19.62 17.12
CA LEU B 305 27.71 -20.38 17.81
C LEU B 305 29.13 -20.06 17.34
N LYS B 306 29.29 -19.17 16.35
CA LYS B 306 30.62 -18.78 15.90
C LYS B 306 30.80 -17.27 15.71
N ALA B 307 29.73 -16.47 15.86
CA ALA B 307 29.75 -15.01 15.76
C ALA B 307 30.21 -14.54 14.39
N ASP B 308 29.96 -15.32 13.36
CA ASP B 308 30.32 -14.96 12.00
C ASP B 308 29.06 -14.48 11.31
N ARG B 309 29.16 -13.31 10.68
CA ARG B 309 28.02 -12.70 10.01
C ARG B 309 27.70 -13.54 8.79
N ALA B 310 26.71 -14.41 8.92
CA ALA B 310 26.46 -15.44 7.92
C ALA B 310 25.43 -15.03 6.88
N GLY B 311 24.82 -13.86 7.01
CA GLY B 311 23.93 -13.39 5.96
C GLY B 311 23.55 -11.95 6.16
N VAL B 312 23.14 -11.33 5.06
CA VAL B 312 22.70 -9.94 5.03
C VAL B 312 21.39 -9.90 4.27
N LEU B 313 20.42 -9.15 4.79
CA LEU B 313 19.10 -9.01 4.19
C LEU B 313 18.87 -7.53 3.93
N ALA B 314 19.13 -7.09 2.70
CA ALA B 314 19.15 -5.67 2.36
C ALA B 314 17.97 -5.29 1.47
N GLY B 315 16.79 -5.87 1.74
CA GLY B 315 15.63 -5.58 0.94
C GLY B 315 14.89 -4.31 1.31
N HIS B 316 15.23 -3.71 2.45
CA HIS B 316 14.53 -2.53 2.92
C HIS B 316 15.36 -1.28 2.65
N ASP B 317 14.67 -0.16 2.41
CA ASP B 317 15.32 1.12 2.24
C ASP B 317 15.02 2.06 3.40
N ASN B 318 14.64 1.52 4.55
CA ASN B 318 14.47 2.28 5.78
C ASN B 318 14.75 1.35 6.94
N ARG B 319 14.65 1.88 8.16
CA ARG B 319 15.03 1.12 9.35
C ARG B 319 14.13 -0.09 9.55
N VAL B 320 14.75 -1.26 9.74
CA VAL B 320 14.03 -2.49 10.01
C VAL B 320 13.62 -2.47 11.47
N SER B 321 12.33 -2.26 11.74
CA SER B 321 11.87 -2.08 13.10
C SER B 321 11.34 -3.34 13.75
N CYS B 322 10.87 -4.31 12.99
CA CYS B 322 10.31 -5.51 13.58
C CYS B 322 10.76 -6.74 12.81
N LEU B 323 11.10 -7.79 13.55
CA LEU B 323 11.57 -9.03 12.98
C LEU B 323 10.87 -10.19 13.67
N GLY B 324 10.52 -11.22 12.90
CA GLY B 324 9.85 -12.35 13.49
C GLY B 324 10.03 -13.65 12.74
N VAL B 325 10.48 -14.68 13.47
CA VAL B 325 10.65 -16.03 12.93
C VAL B 325 9.47 -16.87 13.40
N THR B 326 8.88 -17.63 12.48
CA THR B 326 7.75 -18.48 12.80
C THR B 326 8.15 -19.57 13.80
N ASP B 327 7.14 -20.20 14.40
CA ASP B 327 7.42 -21.25 15.38
C ASP B 327 7.98 -22.49 14.72
N ASP B 328 7.52 -22.82 13.51
CA ASP B 328 8.05 -23.96 12.78
C ASP B 328 9.27 -23.59 11.93
N GLY B 329 9.69 -22.34 11.95
CA GLY B 329 10.90 -21.93 11.26
C GLY B 329 10.81 -21.88 9.75
N MET B 330 9.60 -21.73 9.19
CA MET B 330 9.48 -21.74 7.73
C MET B 330 10.07 -20.48 7.12
N ALA B 331 9.85 -19.32 7.74
CA ALA B 331 10.27 -18.07 7.15
C ALA B 331 10.52 -17.05 8.24
N VAL B 332 11.22 -15.98 7.88
CA VAL B 332 11.51 -14.86 8.77
C VAL B 332 11.03 -13.57 8.12
N ALA B 333 10.05 -12.94 8.73
CA ALA B 333 9.51 -11.71 8.17
C ALA B 333 10.05 -10.50 8.91
N THR B 334 10.58 -9.55 8.15
CA THR B 334 11.11 -8.29 8.66
C THR B 334 10.25 -7.16 8.11
N GLY B 335 9.64 -6.39 8.99
CA GLY B 335 8.87 -5.22 8.63
C GLY B 335 9.64 -3.97 9.03
N SER B 336 9.61 -2.97 8.14
CA SER B 336 10.45 -1.80 8.35
C SER B 336 9.66 -0.50 8.32
N TRP B 337 10.36 0.63 8.30
CA TRP B 337 9.72 1.93 8.32
C TRP B 337 9.30 2.41 6.95
N ASP B 338 9.56 1.64 5.89
CA ASP B 338 9.06 1.94 4.57
C ASP B 338 7.75 1.22 4.27
N SER B 339 7.02 0.83 5.32
CA SER B 339 5.68 0.23 5.24
C SER B 339 5.69 -1.16 4.61
N PHE B 340 6.84 -1.81 4.50
CA PHE B 340 6.91 -3.12 3.86
C PHE B 340 7.35 -4.18 4.84
N LEU B 341 6.70 -5.34 4.72
CA LEU B 341 6.95 -6.55 5.51
C LEU B 341 7.51 -7.61 4.57
N LYS B 342 8.82 -7.61 4.37
CA LYS B 342 9.42 -8.66 3.57
C LYS B 342 9.36 -9.98 4.34
N ILE B 343 9.21 -11.07 3.61
CA ILE B 343 9.16 -12.41 4.21
C ILE B 343 10.27 -13.22 3.56
N TRP B 344 11.42 -13.25 4.21
CA TRP B 344 12.59 -13.94 3.71
C TRP B 344 12.51 -15.42 4.01
N ASN B 345 13.14 -16.21 3.14
CA ASN B 345 13.23 -17.66 3.31
C ASN B 345 14.33 -18.21 2.42
N ILE C 8 17.30 5.29 51.88
CA ILE C 8 15.85 5.27 51.90
C ILE C 8 15.47 3.79 51.72
N ALA C 9 14.24 3.48 51.34
CA ALA C 9 13.83 2.09 51.15
C ALA C 9 14.41 1.50 49.88
N GLN C 10 14.81 2.34 48.92
CA GLN C 10 15.35 1.85 47.65
C GLN C 10 16.67 1.12 47.87
N ALA C 11 17.50 1.61 48.79
CA ALA C 11 18.76 0.94 49.09
C ALA C 11 18.54 -0.44 49.68
N ARG C 12 17.58 -0.58 50.61
CA ARG C 12 17.27 -1.89 51.17
C ARG C 12 16.68 -2.82 50.13
N LYS C 13 15.80 -2.29 49.27
CA LYS C 13 15.20 -3.12 48.22
C LYS C 13 16.26 -3.62 47.25
N LEU C 14 17.18 -2.75 46.83
CA LEU C 14 18.23 -3.14 45.91
C LEU C 14 19.20 -4.12 46.55
N VAL C 15 19.57 -3.93 47.81
CA VAL C 15 20.51 -4.85 48.43
C VAL C 15 19.84 -6.22 48.68
N GLU C 16 18.54 -6.25 48.98
CA GLU C 16 17.85 -7.53 49.11
C GLU C 16 17.72 -8.22 47.75
N GLN C 17 17.45 -7.45 46.70
CA GLN C 17 17.41 -8.02 45.35
C GLN C 17 18.76 -8.59 44.95
N LEU C 18 19.85 -7.89 45.26
CA LEU C 18 21.17 -8.42 44.95
C LEU C 18 21.52 -9.63 45.81
N LYS C 19 21.03 -9.67 47.05
CA LYS C 19 21.21 -10.87 47.88
C LYS C 19 20.49 -12.06 47.27
N MET C 20 19.26 -11.86 46.80
CA MET C 20 18.50 -12.93 46.16
C MET C 20 19.17 -13.37 44.86
N GLU C 21 19.71 -12.42 44.10
CA GLU C 21 20.35 -12.76 42.83
C GLU C 21 21.69 -13.45 43.05
N ALA C 22 22.42 -13.09 44.10
CA ALA C 22 23.72 -13.68 44.35
C ALA C 22 23.61 -15.16 44.74
N ASN C 23 22.63 -15.50 45.59
CA ASN C 23 22.49 -16.85 46.11
C ASN C 23 21.73 -17.71 45.10
N ILE C 24 22.39 -17.98 43.98
CA ILE C 24 21.87 -18.83 42.92
C ILE C 24 22.97 -19.77 42.48
N ASP C 25 22.66 -21.06 42.38
CA ASP C 25 23.64 -22.07 41.98
C ASP C 25 24.00 -21.88 40.51
N ARG C 26 25.15 -21.28 40.26
CA ARG C 26 25.64 -21.05 38.91
C ARG C 26 26.51 -22.21 38.47
N ILE C 27 26.28 -22.69 37.26
CA ILE C 27 27.04 -23.79 36.70
C ILE C 27 28.20 -23.22 35.89
N LYS C 28 29.20 -24.06 35.63
CA LYS C 28 30.31 -23.68 34.75
C LYS C 28 29.79 -23.33 33.37
N VAL C 29 30.34 -22.25 32.81
CA VAL C 29 29.86 -21.74 31.53
C VAL C 29 30.18 -22.70 30.39
N SER C 30 31.16 -23.58 30.57
CA SER C 30 31.43 -24.62 29.59
C SER C 30 30.25 -25.58 29.47
N LYS C 31 29.59 -25.88 30.59
CA LYS C 31 28.43 -26.77 30.56
C LYS C 31 27.26 -26.14 29.80
N ALA C 32 26.97 -24.87 30.05
CA ALA C 32 25.92 -24.18 29.33
C ALA C 32 26.27 -24.04 27.85
N ALA C 33 27.53 -23.77 27.54
CA ALA C 33 27.97 -23.69 26.15
C ALA C 33 27.81 -25.03 25.44
N ALA C 34 28.16 -26.12 26.12
CA ALA C 34 27.99 -27.46 25.55
C ALA C 34 26.52 -27.79 25.36
N ASP C 35 25.66 -27.37 26.30
CA ASP C 35 24.23 -27.60 26.15
C ASP C 35 23.66 -26.85 24.95
N LEU C 36 24.07 -25.59 24.77
CA LEU C 36 23.59 -24.82 23.62
C LEU C 36 24.12 -25.41 22.31
N MET C 37 25.38 -25.83 22.28
CA MET C 37 25.93 -26.46 21.09
C MET C 37 25.20 -27.76 20.76
N ALA C 38 24.90 -28.57 21.79
CA ALA C 38 24.17 -29.81 21.59
C ALA C 38 22.76 -29.55 21.09
N TYR C 39 22.10 -28.52 21.61
CA TYR C 39 20.76 -28.18 21.15
C TYR C 39 20.78 -27.71 19.69
N CYS C 40 21.81 -26.95 19.30
CA CYS C 40 21.88 -26.51 17.91
C CYS C 40 22.28 -27.64 16.98
N GLU C 41 23.01 -28.64 17.47
CA GLU C 41 23.33 -29.79 16.64
C GLU C 41 22.16 -30.77 16.53
N ALA C 42 21.34 -30.88 17.59
CA ALA C 42 20.24 -31.84 17.61
C ALA C 42 18.96 -31.30 17.01
N HIS C 43 18.97 -30.08 16.48
CA HIS C 43 17.80 -29.53 15.80
C HIS C 43 18.14 -28.95 14.44
N ALA C 44 19.32 -29.25 13.89
CA ALA C 44 19.67 -28.74 12.57
C ALA C 44 18.81 -29.38 11.48
N LYS C 45 18.30 -30.58 11.70
CA LYS C 45 17.46 -31.24 10.72
C LYS C 45 16.08 -30.62 10.62
N GLU C 46 15.66 -29.87 11.63
CA GLU C 46 14.33 -29.29 11.67
C GLU C 46 14.36 -27.76 11.59
N ASP C 47 15.39 -27.21 10.95
CA ASP C 47 15.53 -25.76 10.81
C ASP C 47 15.61 -25.40 9.34
N PRO C 48 14.50 -25.01 8.71
CA PRO C 48 14.53 -24.62 7.29
C PRO C 48 15.41 -23.42 7.01
N LEU C 49 15.58 -22.52 7.97
CA LEU C 49 16.37 -21.31 7.73
C LEU C 49 17.84 -21.66 7.51
N LEU C 50 18.38 -22.59 8.31
CA LEU C 50 19.78 -23.00 8.16
C LEU C 50 19.96 -23.82 6.88
N THR C 51 19.25 -24.95 6.78
CA THR C 51 19.31 -25.78 5.59
C THR C 51 18.08 -25.51 4.74
N PRO C 52 18.23 -24.89 3.57
CA PRO C 52 17.06 -24.58 2.73
C PRO C 52 16.35 -25.83 2.26
N VAL C 53 15.06 -25.91 2.58
CA VAL C 53 14.22 -27.04 2.18
C VAL C 53 13.78 -26.82 0.73
N PRO C 54 13.50 -27.87 -0.03
CA PRO C 54 13.06 -27.68 -1.41
C PRO C 54 11.64 -27.16 -1.48
N ALA C 55 11.20 -26.84 -2.70
CA ALA C 55 9.88 -26.29 -2.94
C ALA C 55 8.75 -27.29 -2.71
N SER C 56 9.07 -28.57 -2.54
CA SER C 56 8.03 -29.57 -2.28
C SER C 56 7.34 -29.32 -0.95
N GLU C 57 8.09 -28.96 0.09
CA GLU C 57 7.50 -28.70 1.41
C GLU C 57 7.49 -27.23 1.80
N ASN C 58 8.25 -26.38 1.11
CA ASN C 58 8.31 -24.97 1.45
C ASN C 58 7.03 -24.27 1.00
N PRO C 59 6.26 -23.67 1.91
CA PRO C 59 5.01 -23.01 1.49
C PRO C 59 5.20 -21.59 0.99
N PHE C 60 6.42 -21.10 0.91
CA PHE C 60 6.69 -19.76 0.41
C PHE C 60 7.42 -19.80 -0.92
N ASP D 1 -26.65 -11.05 19.40
CA ASP D 1 -28.03 -11.14 18.97
C ASP D 1 -28.13 -11.07 17.45
N VAL D 2 -27.42 -12.00 16.79
CA VAL D 2 -27.46 -12.09 15.34
C VAL D 2 -28.86 -12.52 14.91
N GLN D 3 -29.47 -11.76 13.99
CA GLN D 3 -30.84 -12.04 13.58
C GLN D 3 -31.02 -11.67 12.13
N LEU D 4 -31.15 -12.67 11.27
CA LEU D 4 -31.59 -12.50 9.89
C LEU D 4 -33.05 -12.89 9.81
N VAL D 5 -33.92 -11.93 9.47
CA VAL D 5 -35.33 -12.25 9.31
C VAL D 5 -35.78 -11.83 7.92
N GLU D 6 -36.33 -12.79 7.18
CA GLU D 6 -36.81 -12.57 5.82
C GLU D 6 -38.24 -12.05 5.84
N SER D 7 -38.61 -11.37 4.76
CA SER D 7 -39.96 -10.87 4.60
C SER D 7 -40.31 -10.89 3.11
N GLY D 8 -41.61 -10.99 2.84
CA GLY D 8 -42.09 -11.17 1.49
C GLY D 8 -42.72 -12.53 1.31
N GLY D 9 -42.73 -13.03 0.08
CA GLY D 9 -43.25 -14.36 -0.16
C GLY D 9 -44.76 -14.45 0.02
N GLY D 10 -45.23 -15.68 0.14
CA GLY D 10 -46.66 -15.93 0.22
C GLY D 10 -47.22 -16.46 -1.08
N LEU D 11 -48.50 -16.24 -1.33
CA LEU D 11 -49.11 -16.71 -2.57
C LEU D 11 -48.78 -15.77 -3.72
N VAL D 12 -48.51 -16.34 -4.88
CA VAL D 12 -48.24 -15.56 -6.08
C VAL D 12 -48.65 -16.39 -7.30
N GLN D 13 -49.18 -15.72 -8.32
CA GLN D 13 -49.55 -16.40 -9.55
C GLN D 13 -48.30 -16.76 -10.35
N PRO D 14 -48.33 -17.86 -11.10
CA PRO D 14 -47.17 -18.24 -11.91
C PRO D 14 -46.87 -17.22 -12.99
N GLY D 15 -45.59 -17.01 -13.25
CA GLY D 15 -45.14 -16.02 -14.20
C GLY D 15 -45.12 -14.60 -13.69
N GLY D 16 -45.54 -14.37 -12.44
CA GLY D 16 -45.57 -13.04 -11.87
C GLY D 16 -44.20 -12.58 -11.39
N SER D 17 -44.21 -11.73 -10.37
CA SER D 17 -42.98 -11.23 -9.78
C SER D 17 -43.21 -10.93 -8.31
N ARG D 18 -42.16 -11.11 -7.52
CA ARG D 18 -42.26 -10.95 -6.07
C ARG D 18 -40.87 -10.62 -5.52
N LYS D 19 -40.82 -9.74 -4.54
CA LYS D 19 -39.55 -9.30 -3.97
C LYS D 19 -39.42 -9.79 -2.55
N LEU D 20 -38.34 -10.52 -2.27
CA LEU D 20 -38.01 -10.94 -0.92
C LEU D 20 -36.96 -10.00 -0.35
N SER D 21 -37.05 -9.74 0.95
CA SER D 21 -36.10 -8.83 1.59
C SER D 21 -35.86 -9.30 3.00
N CYS D 22 -34.63 -9.66 3.32
CA CYS D 22 -34.29 -10.04 4.68
C CYS D 22 -33.53 -8.90 5.35
N SER D 23 -34.02 -8.48 6.50
CA SER D 23 -33.32 -7.51 7.33
C SER D 23 -32.34 -8.24 8.24
N ALA D 24 -31.15 -7.66 8.35
CA ALA D 24 -30.02 -8.26 9.05
C ALA D 24 -29.75 -7.39 10.27
N SER D 25 -30.41 -7.70 11.36
CA SER D 25 -30.28 -6.93 12.60
C SER D 25 -29.34 -7.66 13.54
N GLY D 26 -28.29 -6.96 13.97
CA GLY D 26 -27.42 -7.46 15.02
C GLY D 26 -25.99 -7.70 14.64
N PHE D 27 -25.56 -7.45 13.41
CA PHE D 27 -24.17 -7.72 13.03
C PHE D 27 -23.73 -6.76 11.93
N ALA D 28 -22.42 -6.79 11.66
CA ALA D 28 -21.80 -5.96 10.62
C ALA D 28 -22.13 -6.55 9.26
N PHE D 29 -23.23 -6.06 8.68
CA PHE D 29 -23.74 -6.60 7.43
C PHE D 29 -22.81 -6.37 6.25
N SER D 30 -22.19 -5.18 6.17
CA SER D 30 -21.45 -4.78 4.98
C SER D 30 -20.21 -5.62 4.71
N SER D 31 -19.71 -6.35 5.69
CA SER D 31 -18.52 -7.17 5.53
C SER D 31 -18.84 -8.60 5.08
N PHE D 32 -20.11 -8.94 4.96
CA PHE D 32 -20.56 -10.33 4.83
C PHE D 32 -21.02 -10.62 3.42
N GLY D 33 -20.40 -11.63 2.79
CA GLY D 33 -20.97 -12.21 1.59
C GLY D 33 -22.26 -12.92 1.92
N MET D 34 -23.31 -12.63 1.18
CA MET D 34 -24.60 -13.22 1.47
C MET D 34 -25.02 -14.19 0.39
N HIS D 35 -25.88 -15.13 0.78
CA HIS D 35 -26.41 -16.13 -0.11
C HIS D 35 -27.92 -16.17 0.04
N TRP D 36 -28.61 -16.53 -1.04
CA TRP D 36 -29.99 -16.96 -0.96
C TRP D 36 -30.03 -18.43 -1.32
N VAL D 37 -30.62 -19.23 -0.42
CA VAL D 37 -30.71 -20.68 -0.57
C VAL D 37 -32.16 -21.09 -0.32
N ARG D 38 -32.73 -21.86 -1.23
CA ARG D 38 -34.13 -22.24 -1.10
C ARG D 38 -34.26 -23.73 -0.85
N GLN D 39 -35.37 -24.09 -0.22
CA GLN D 39 -35.69 -25.48 0.08
C GLN D 39 -37.10 -25.76 -0.41
N ALA D 40 -37.24 -26.75 -1.28
CA ALA D 40 -38.53 -27.16 -1.78
C ALA D 40 -39.34 -27.76 -0.63
N PRO D 41 -40.69 -27.78 -0.75
CA PRO D 41 -41.51 -28.20 0.41
C PRO D 41 -41.23 -29.60 0.92
N GLU D 42 -40.84 -30.54 0.07
CA GLU D 42 -40.46 -31.87 0.55
C GLU D 42 -39.20 -32.36 -0.14
N LYS D 43 -38.25 -31.47 -0.39
CA LYS D 43 -36.98 -31.87 -0.98
C LYS D 43 -35.82 -31.28 -0.19
N GLY D 44 -34.59 -31.44 -0.70
CA GLY D 44 -33.42 -30.92 -0.06
C GLY D 44 -33.19 -29.45 -0.38
N LEU D 45 -32.05 -28.96 0.08
CA LEU D 45 -31.69 -27.56 -0.13
C LEU D 45 -31.13 -27.37 -1.54
N GLU D 46 -31.30 -26.15 -2.06
CA GLU D 46 -30.77 -25.76 -3.36
C GLU D 46 -30.23 -24.35 -3.26
N TRP D 47 -29.02 -24.13 -3.75
CA TRP D 47 -28.42 -22.81 -3.73
C TRP D 47 -28.96 -21.96 -4.87
N VAL D 48 -29.37 -20.72 -4.55
CA VAL D 48 -29.95 -19.84 -5.55
C VAL D 48 -28.95 -18.80 -6.00
N ALA D 49 -28.43 -17.99 -5.07
CA ALA D 49 -27.61 -16.86 -5.48
C ALA D 49 -26.66 -16.44 -4.38
N TYR D 50 -25.70 -15.60 -4.74
CA TYR D 50 -24.68 -15.13 -3.82
C TYR D 50 -24.17 -13.76 -4.24
N ILE D 51 -24.09 -12.84 -3.28
CA ILE D 51 -23.43 -11.55 -3.44
C ILE D 51 -22.19 -11.56 -2.56
N SER D 52 -21.12 -10.92 -3.03
CA SER D 52 -19.95 -10.73 -2.19
C SER D 52 -20.17 -9.51 -1.29
N SER D 53 -19.14 -9.12 -0.55
CA SER D 53 -19.20 -7.87 0.17
C SER D 53 -19.01 -6.73 -0.81
N GLY D 54 -19.83 -5.69 -0.67
CA GLY D 54 -19.74 -4.57 -1.58
C GLY D 54 -20.30 -4.82 -2.96
N SER D 55 -20.95 -5.96 -3.18
CA SER D 55 -21.58 -6.34 -4.45
C SER D 55 -20.57 -6.38 -5.60
N GLY D 56 -19.32 -6.69 -5.32
CA GLY D 56 -18.32 -6.76 -6.37
C GLY D 56 -18.31 -8.03 -7.16
N THR D 57 -19.01 -9.07 -6.70
CA THR D 57 -19.03 -10.36 -7.38
C THR D 57 -20.35 -11.04 -7.05
N ILE D 58 -21.13 -11.36 -8.09
CA ILE D 58 -22.45 -11.94 -7.93
C ILE D 58 -22.50 -13.23 -8.74
N TYR D 59 -22.97 -14.31 -8.11
CA TYR D 59 -23.17 -15.58 -8.79
C TYR D 59 -24.61 -16.04 -8.62
N TYR D 60 -25.10 -16.73 -9.65
CA TYR D 60 -26.45 -17.28 -9.67
C TYR D 60 -26.38 -18.76 -10.02
N ALA D 61 -27.38 -19.51 -9.56
CA ALA D 61 -27.53 -20.89 -10.00
C ALA D 61 -27.91 -20.91 -11.47
N ASP D 62 -27.40 -21.90 -12.20
CA ASP D 62 -27.64 -21.99 -13.63
C ASP D 62 -29.11 -22.20 -13.96
N THR D 63 -29.87 -22.80 -13.04
CA THR D 63 -31.31 -22.97 -13.24
C THR D 63 -32.01 -21.62 -13.28
N VAL D 64 -31.64 -20.72 -12.38
CA VAL D 64 -32.33 -19.45 -12.22
C VAL D 64 -31.46 -18.27 -12.66
N LYS D 65 -30.48 -18.51 -13.51
CA LYS D 65 -29.57 -17.47 -13.97
C LYS D 65 -30.30 -16.58 -14.96
N GLY D 66 -30.80 -15.44 -14.50
CA GLY D 66 -31.49 -14.51 -15.37
C GLY D 66 -32.89 -14.14 -14.92
N ARG D 67 -33.63 -15.08 -14.36
CA ARG D 67 -34.97 -14.79 -13.90
C ARG D 67 -35.00 -14.10 -12.55
N PHE D 68 -33.97 -14.26 -11.73
CA PHE D 68 -33.87 -13.58 -10.45
C PHE D 68 -32.76 -12.56 -10.50
N THR D 69 -32.93 -11.45 -9.78
CA THR D 69 -31.84 -10.51 -9.57
C THR D 69 -31.70 -10.27 -8.07
N ILE D 70 -30.50 -9.93 -7.65
CA ILE D 70 -30.15 -9.87 -6.23
C ILE D 70 -29.39 -8.60 -5.95
N SER D 71 -29.63 -8.02 -4.76
CA SER D 71 -29.04 -6.73 -4.41
C SER D 71 -28.96 -6.64 -2.89
N ARG D 72 -28.19 -5.65 -2.41
CA ARG D 72 -28.07 -5.41 -0.99
C ARG D 72 -28.03 -3.91 -0.72
N ASP D 73 -28.77 -3.49 0.30
CA ASP D 73 -28.73 -2.12 0.81
C ASP D 73 -27.94 -2.19 2.12
N ASP D 74 -26.64 -1.93 2.02
CA ASP D 74 -25.79 -1.91 3.22
C ASP D 74 -26.18 -0.86 4.25
N PRO D 75 -26.49 0.41 3.92
CA PRO D 75 -26.90 1.34 4.99
C PRO D 75 -28.13 0.93 5.80
N LYS D 76 -29.13 0.29 5.21
CA LYS D 76 -30.26 -0.17 6.02
C LYS D 76 -30.14 -1.64 6.42
N ASN D 77 -29.02 -2.30 6.08
CA ASN D 77 -28.73 -3.69 6.44
C ASN D 77 -29.81 -4.65 5.92
N THR D 78 -30.06 -4.60 4.61
CA THR D 78 -31.12 -5.41 4.04
C THR D 78 -30.62 -6.09 2.77
N LEU D 79 -31.11 -7.29 2.51
CA LEU D 79 -30.75 -8.07 1.32
C LEU D 79 -32.01 -8.36 0.53
N PHE D 80 -32.01 -8.00 -0.76
CA PHE D 80 -33.18 -8.10 -1.62
C PHE D 80 -32.94 -9.14 -2.71
N LEU D 81 -33.94 -9.97 -2.93
CA LEU D 81 -34.00 -10.85 -4.10
C LEU D 81 -35.28 -10.51 -4.84
N GLN D 82 -35.15 -9.89 -6.01
CA GLN D 82 -36.30 -9.57 -6.85
C GLN D 82 -36.48 -10.72 -7.83
N MET D 83 -37.61 -11.42 -7.70
CA MET D 83 -37.90 -12.62 -8.46
C MET D 83 -38.86 -12.27 -9.59
N THR D 84 -38.49 -12.61 -10.82
CA THR D 84 -39.30 -12.36 -11.99
C THR D 84 -39.55 -13.67 -12.74
N SER D 85 -40.76 -13.80 -13.28
CA SER D 85 -41.23 -14.98 -14.01
C SER D 85 -41.14 -16.24 -13.14
N LEU D 86 -41.91 -16.22 -12.04
CA LEU D 86 -41.94 -17.32 -11.09
C LEU D 86 -42.64 -18.52 -11.72
N ARG D 87 -41.85 -19.52 -12.14
CA ARG D 87 -42.40 -20.73 -12.72
C ARG D 87 -42.91 -21.64 -11.59
N SER D 88 -43.44 -22.81 -11.96
CA SER D 88 -44.05 -23.73 -10.99
C SER D 88 -43.08 -24.29 -9.95
N GLU D 89 -41.79 -24.43 -10.27
CA GLU D 89 -40.87 -25.10 -9.35
C GLU D 89 -40.22 -24.12 -8.37
N ASP D 90 -40.67 -22.87 -8.34
CA ASP D 90 -40.11 -21.91 -7.40
C ASP D 90 -40.82 -21.88 -6.06
N THR D 91 -41.90 -22.65 -5.89
CA THR D 91 -42.57 -22.71 -4.59
C THR D 91 -41.62 -23.37 -3.58
N ALA D 92 -41.12 -22.56 -2.65
CA ALA D 92 -40.05 -23.01 -1.76
C ALA D 92 -39.96 -22.05 -0.58
N MET D 93 -39.25 -22.50 0.45
CA MET D 93 -38.92 -21.65 1.59
C MET D 93 -37.51 -21.10 1.38
N TYR D 94 -37.37 -19.79 1.47
CA TYR D 94 -36.11 -19.11 1.15
C TYR D 94 -35.43 -18.63 2.43
N TYR D 95 -34.14 -18.95 2.55
CA TYR D 95 -33.28 -18.51 3.65
C TYR D 95 -32.17 -17.65 3.09
N CYS D 96 -31.94 -16.48 3.69
CA CYS D 96 -30.76 -15.70 3.36
C CYS D 96 -29.67 -16.06 4.36
N VAL D 97 -28.50 -16.40 3.84
CA VAL D 97 -27.45 -17.06 4.61
C VAL D 97 -26.23 -16.17 4.68
N ARG D 98 -25.72 -15.98 5.88
CA ARG D 98 -24.50 -15.23 6.15
C ARG D 98 -23.29 -16.04 5.72
N SER D 99 -22.23 -15.37 5.26
CA SER D 99 -20.98 -16.05 4.97
C SER D 99 -19.82 -15.06 4.82
N ILE D 100 -18.78 -15.20 5.63
CA ILE D 100 -17.60 -14.34 5.51
C ILE D 100 -16.42 -15.22 5.11
N TYR D 101 -15.64 -14.74 4.15
CA TYR D 101 -14.54 -15.51 3.57
C TYR D 101 -13.22 -14.83 3.88
N TYR D 102 -12.50 -15.34 4.87
CA TYR D 102 -11.10 -15.03 5.08
C TYR D 102 -10.43 -16.34 5.48
N TYR D 103 -9.16 -16.28 5.88
CA TYR D 103 -8.48 -17.50 6.30
C TYR D 103 -9.02 -17.94 7.65
N GLY D 104 -9.50 -19.18 7.73
CA GLY D 104 -10.01 -19.71 8.97
C GLY D 104 -11.38 -19.23 9.35
N SER D 105 -12.12 -18.60 8.44
CA SER D 105 -13.47 -18.17 8.73
C SER D 105 -14.42 -19.36 8.65
N SER D 106 -15.67 -19.11 9.02
CA SER D 106 -16.72 -20.13 8.97
C SER D 106 -17.88 -19.60 8.16
N PRO D 107 -17.80 -19.70 6.83
CA PRO D 107 -18.93 -19.27 5.99
C PRO D 107 -20.12 -20.18 6.16
N PHE D 108 -21.28 -19.66 5.75
CA PHE D 108 -22.59 -20.30 5.97
C PHE D 108 -22.85 -20.51 7.45
N ASP D 109 -22.39 -19.58 8.28
CA ASP D 109 -22.49 -19.71 9.73
C ASP D 109 -23.93 -19.62 10.19
N PHE D 110 -24.66 -18.62 9.72
CA PHE D 110 -26.00 -18.34 10.23
C PHE D 110 -26.99 -18.34 9.09
N TRP D 111 -28.19 -18.87 9.36
CA TRP D 111 -29.25 -19.00 8.37
C TRP D 111 -30.49 -18.29 8.89
N GLY D 112 -31.10 -17.48 8.04
CA GLY D 112 -32.29 -16.74 8.42
C GLY D 112 -33.48 -17.64 8.66
N GLN D 113 -34.56 -17.02 9.15
CA GLN D 113 -35.78 -17.75 9.46
C GLN D 113 -36.43 -18.31 8.19
N GLY D 114 -36.40 -17.55 7.10
CA GLY D 114 -36.89 -18.02 5.83
C GLY D 114 -38.37 -17.78 5.62
N THR D 115 -38.76 -17.37 4.42
CA THR D 115 -40.16 -17.18 4.08
C THR D 115 -40.59 -18.14 2.98
N THR D 116 -41.79 -18.69 3.12
CA THR D 116 -42.34 -19.56 2.10
C THR D 116 -42.84 -18.74 0.92
N LEU D 117 -42.83 -19.37 -0.25
CA LEU D 117 -43.26 -18.73 -1.49
C LEU D 117 -44.01 -19.79 -2.28
N THR D 118 -45.33 -19.65 -2.39
CA THR D 118 -46.19 -20.63 -3.03
C THR D 118 -46.71 -20.07 -4.34
N VAL D 119 -46.47 -20.79 -5.43
CA VAL D 119 -47.05 -20.47 -6.72
C VAL D 119 -48.19 -21.44 -6.99
N SER D 120 -49.02 -21.12 -7.96
CA SER D 120 -50.17 -21.95 -8.31
C SER D 120 -50.02 -22.45 -9.74
N SER D 121 -51.01 -23.22 -10.18
CA SER D 121 -51.01 -23.78 -11.51
C SER D 121 -52.45 -23.94 -12.02
N SER D 136 -19.65 -27.91 -15.22
CA SER D 136 -20.15 -29.17 -14.69
C SER D 136 -20.48 -29.04 -13.21
N ASP D 137 -21.76 -29.23 -12.88
CA ASP D 137 -22.18 -29.14 -11.49
C ASP D 137 -21.67 -30.34 -10.70
N ILE D 138 -21.05 -30.07 -9.55
CA ILE D 138 -20.52 -31.14 -8.71
C ILE D 138 -21.70 -31.79 -8.00
N VAL D 139 -22.13 -32.95 -8.48
CA VAL D 139 -23.28 -33.62 -7.88
C VAL D 139 -22.88 -34.22 -6.54
N MET D 140 -23.41 -33.63 -5.48
CA MET D 140 -23.18 -34.10 -4.12
C MET D 140 -24.31 -35.04 -3.74
N THR D 141 -24.01 -36.30 -3.46
CA THR D 141 -25.06 -37.27 -3.19
C THR D 141 -24.88 -37.92 -1.82
N GLN D 142 -25.95 -37.96 -1.05
CA GLN D 142 -25.96 -38.69 0.21
C GLN D 142 -26.11 -40.18 -0.06
N ALA D 143 -25.43 -40.99 0.75
CA ALA D 143 -25.45 -42.44 0.56
C ALA D 143 -26.82 -43.04 0.81
N THR D 144 -27.72 -42.33 1.48
CA THR D 144 -29.07 -42.79 1.73
C THR D 144 -29.95 -41.57 2.00
N SER D 145 -31.18 -41.80 2.47
CA SER D 145 -32.09 -40.74 2.83
C SER D 145 -32.63 -40.84 4.24
N SER D 146 -32.44 -41.96 4.94
CA SER D 146 -32.87 -42.11 6.31
C SER D 146 -32.05 -43.21 6.96
N VAL D 147 -31.69 -43.00 8.22
CA VAL D 147 -30.95 -44.01 8.99
C VAL D 147 -31.62 -44.20 10.36
N PRO D 148 -31.95 -45.43 10.73
CA PRO D 148 -32.49 -45.68 12.07
C PRO D 148 -31.43 -45.37 13.12
N VAL D 149 -31.88 -44.85 14.26
CA VAL D 149 -30.96 -44.37 15.27
C VAL D 149 -31.65 -44.36 16.63
N THR D 150 -30.87 -44.61 17.68
CA THR D 150 -31.26 -44.54 19.07
C THR D 150 -30.34 -43.58 19.82
N PRO D 151 -30.86 -42.86 20.82
CA PRO D 151 -30.00 -41.95 21.60
C PRO D 151 -28.90 -42.70 22.33
N GLY D 152 -27.72 -42.08 22.39
CA GLY D 152 -26.57 -42.70 22.98
C GLY D 152 -25.74 -43.56 22.06
N GLU D 153 -26.01 -43.55 20.76
CA GLU D 153 -25.30 -44.38 19.79
C GLU D 153 -24.61 -43.49 18.77
N SER D 154 -23.35 -43.82 18.47
CA SER D 154 -22.59 -43.09 17.47
C SER D 154 -22.96 -43.58 16.08
N VAL D 155 -23.31 -42.65 15.19
CA VAL D 155 -23.71 -42.97 13.82
C VAL D 155 -22.89 -42.13 12.86
N SER D 156 -22.57 -42.73 11.71
CA SER D 156 -21.78 -42.08 10.67
C SER D 156 -22.64 -41.87 9.44
N ILE D 157 -22.58 -40.65 8.89
CA ILE D 157 -23.33 -40.26 7.72
C ILE D 157 -22.33 -39.99 6.61
N SER D 158 -22.49 -40.68 5.49
CA SER D 158 -21.56 -40.59 4.38
C SER D 158 -22.06 -39.61 3.34
N CYS D 159 -21.14 -39.14 2.51
CA CYS D 159 -21.45 -38.19 1.45
C CYS D 159 -20.45 -38.41 0.33
N ARG D 160 -20.96 -38.43 -0.90
CA ARG D 160 -20.17 -38.78 -2.07
C ARG D 160 -20.11 -37.53 -2.95
N SER D 161 -18.97 -37.32 -3.61
CA SER D 161 -18.77 -36.16 -4.45
C SER D 161 -18.42 -36.59 -5.87
N SER D 162 -18.87 -35.80 -6.84
CA SER D 162 -18.53 -36.05 -8.23
C SER D 162 -17.05 -35.81 -8.49
N LYS D 163 -16.52 -34.69 -8.01
CA LYS D 163 -15.15 -34.31 -8.25
C LYS D 163 -14.42 -34.20 -6.92
N SER D 164 -13.11 -34.45 -6.94
CA SER D 164 -12.28 -34.37 -5.75
C SER D 164 -12.27 -32.95 -5.20
N LEU D 165 -12.85 -32.76 -4.02
CA LEU D 165 -12.97 -31.44 -3.42
C LEU D 165 -11.67 -30.94 -2.82
N LEU D 166 -10.63 -31.78 -2.75
CA LEU D 166 -9.34 -31.39 -2.20
C LEU D 166 -8.66 -30.45 -3.19
N HIS D 167 -8.75 -29.15 -2.92
CA HIS D 167 -8.10 -28.16 -3.77
C HIS D 167 -6.59 -28.28 -3.52
N SER D 168 -5.80 -27.68 -4.41
CA SER D 168 -4.34 -27.78 -4.34
C SER D 168 -3.77 -27.14 -3.09
N ASN D 169 -4.47 -26.15 -2.53
CA ASN D 169 -3.96 -25.45 -1.34
C ASN D 169 -4.13 -26.25 -0.05
N GLY D 170 -4.74 -27.42 -0.11
CA GLY D 170 -4.74 -28.30 1.04
C GLY D 170 -6.10 -28.60 1.66
N ASN D 171 -6.97 -27.60 1.76
CA ASN D 171 -8.24 -27.79 2.44
C ASN D 171 -9.36 -28.16 1.46
N THR D 172 -10.18 -29.12 1.86
CA THR D 172 -11.27 -29.59 1.03
C THR D 172 -12.52 -28.82 1.43
N TYR D 173 -13.19 -28.22 0.45
CA TYR D 173 -14.34 -27.36 0.74
C TYR D 173 -15.59 -28.23 0.80
N LEU D 174 -15.99 -28.61 2.01
CA LEU D 174 -17.22 -29.35 2.22
C LEU D 174 -17.79 -29.01 3.58
N TYR D 175 -19.10 -28.72 3.60
CA TYR D 175 -19.79 -28.19 4.76
C TYR D 175 -20.92 -29.12 5.15
N TRP D 176 -20.99 -29.48 6.42
CA TRP D 176 -22.08 -30.28 6.96
C TRP D 176 -23.02 -29.36 7.73
N PHE D 177 -24.30 -29.38 7.35
CA PHE D 177 -25.37 -28.63 7.99
C PHE D 177 -26.37 -29.58 8.62
N LEU D 178 -26.99 -29.13 9.71
CA LEU D 178 -28.08 -29.85 10.36
C LEU D 178 -29.31 -28.96 10.40
N GLN D 179 -30.45 -29.52 10.01
CA GLN D 179 -31.73 -28.82 10.06
C GLN D 179 -32.65 -29.57 11.00
N ARG D 180 -32.98 -28.95 12.13
CA ARG D 180 -33.96 -29.50 13.03
C ARG D 180 -35.35 -29.41 12.41
N PRO D 181 -36.27 -30.31 12.78
CA PRO D 181 -37.65 -30.20 12.29
C PRO D 181 -38.30 -28.89 12.69
N GLY D 182 -38.79 -28.16 11.68
CA GLY D 182 -39.37 -26.85 11.90
C GLY D 182 -38.37 -25.82 12.37
N GLN D 183 -37.16 -25.83 11.81
CA GLN D 183 -36.12 -24.91 12.22
C GLN D 183 -35.21 -24.67 11.02
N SER D 184 -34.55 -23.52 11.00
CA SER D 184 -33.59 -23.22 9.96
C SER D 184 -32.32 -24.06 10.14
N PRO D 185 -31.67 -24.44 9.04
CA PRO D 185 -30.42 -25.22 9.16
C PRO D 185 -29.33 -24.41 9.84
N GLN D 186 -28.49 -25.12 10.59
CA GLN D 186 -27.34 -24.51 11.24
C GLN D 186 -26.07 -25.21 10.76
N LEU D 187 -25.01 -24.43 10.61
CA LEU D 187 -23.72 -25.00 10.24
C LEU D 187 -23.21 -25.91 11.35
N LEU D 188 -22.77 -27.11 10.97
CA LEU D 188 -22.14 -28.01 11.91
C LEU D 188 -20.64 -28.11 11.70
N ILE D 189 -20.21 -28.39 10.48
CA ILE D 189 -18.79 -28.58 10.20
C ILE D 189 -18.44 -27.83 8.93
N TYR D 190 -17.36 -27.05 8.95
CA TYR D 190 -16.90 -26.36 7.76
C TYR D 190 -15.52 -26.86 7.37
N ARG D 191 -15.34 -27.13 6.07
CA ARG D 191 -14.12 -27.71 5.49
C ARG D 191 -13.78 -29.05 6.14
N MET D 192 -14.81 -29.84 6.43
CA MET D 192 -14.91 -31.25 6.79
C MET D 192 -14.24 -31.59 8.12
N SER D 193 -13.58 -30.62 8.76
CA SER D 193 -12.88 -30.92 10.00
C SER D 193 -13.11 -29.91 11.10
N ASN D 194 -13.55 -28.71 10.78
CA ASN D 194 -13.61 -27.63 11.76
C ASN D 194 -15.05 -27.48 12.24
N LEU D 195 -15.25 -27.58 13.54
CA LEU D 195 -16.57 -27.38 14.13
C LEU D 195 -16.94 -25.91 14.12
N ALA D 196 -18.22 -25.64 13.90
CA ALA D 196 -18.70 -24.26 13.91
C ALA D 196 -18.76 -23.74 15.34
N SER D 197 -18.78 -22.41 15.47
CA SER D 197 -18.84 -21.77 16.78
C SER D 197 -20.24 -21.95 17.37
N GLY D 198 -20.36 -22.80 18.38
CA GLY D 198 -21.63 -23.06 19.02
C GLY D 198 -22.14 -24.48 18.89
N VAL D 199 -21.42 -25.39 18.25
CA VAL D 199 -21.84 -26.78 18.16
C VAL D 199 -21.01 -27.58 19.16
N PRO D 200 -21.55 -28.67 19.71
CA PRO D 200 -20.75 -29.48 20.64
C PRO D 200 -19.68 -30.27 19.91
N ASP D 201 -18.79 -30.88 20.71
CA ASP D 201 -17.63 -31.60 20.20
C ASP D 201 -17.95 -33.04 19.80
N ARG D 202 -19.22 -33.41 19.79
CA ARG D 202 -19.60 -34.76 19.38
C ARG D 202 -19.28 -35.01 17.91
N PHE D 203 -19.53 -34.01 17.06
CA PHE D 203 -19.40 -34.21 15.62
C PHE D 203 -17.94 -34.22 15.21
N SER D 204 -17.60 -35.13 14.30
CA SER D 204 -16.25 -35.16 13.74
C SER D 204 -16.34 -35.59 12.29
N GLY D 205 -15.67 -34.85 11.41
CA GLY D 205 -15.67 -35.13 9.99
C GLY D 205 -14.35 -35.69 9.54
N SER D 206 -14.38 -36.57 8.54
CA SER D 206 -13.18 -37.17 8.00
C SER D 206 -13.41 -37.56 6.55
N GLY D 207 -12.34 -37.98 5.88
CA GLY D 207 -12.47 -38.43 4.51
C GLY D 207 -11.36 -38.01 3.55
N SER D 208 -11.36 -38.63 2.38
CA SER D 208 -10.44 -38.26 1.31
C SER D 208 -11.07 -37.14 0.48
N GLY D 209 -10.49 -36.86 -0.69
CA GLY D 209 -10.98 -35.80 -1.55
C GLY D 209 -12.35 -36.06 -2.16
N THR D 210 -12.79 -37.31 -2.20
CA THR D 210 -14.06 -37.68 -2.80
C THR D 210 -15.08 -38.20 -1.79
N ALA D 211 -14.67 -39.09 -0.91
CA ALA D 211 -15.54 -39.71 0.08
C ALA D 211 -15.45 -38.94 1.40
N PHE D 212 -16.60 -38.53 1.93
CA PHE D 212 -16.63 -37.77 3.17
C PHE D 212 -17.57 -38.42 4.18
N THR D 213 -17.28 -38.24 5.46
CA THR D 213 -18.04 -38.89 6.51
C THR D 213 -18.13 -38.00 7.74
N LEU D 214 -19.35 -37.70 8.15
CA LEU D 214 -19.63 -37.13 9.46
C LEU D 214 -19.83 -38.26 10.45
N THR D 215 -19.40 -38.06 11.69
CA THR D 215 -19.56 -39.07 12.73
C THR D 215 -20.04 -38.36 13.99
N ILE D 216 -21.20 -38.77 14.50
CA ILE D 216 -21.79 -38.20 15.69
C ILE D 216 -21.73 -39.25 16.80
N SER D 217 -21.15 -38.90 17.92
CA SER D 217 -21.06 -39.78 19.07
C SER D 217 -21.87 -39.22 20.23
N ARG D 218 -22.47 -40.12 21.01
CA ARG D 218 -23.25 -39.77 22.20
C ARG D 218 -24.43 -38.86 21.83
N LEU D 219 -25.33 -39.43 21.04
CA LEU D 219 -26.47 -38.69 20.52
C LEU D 219 -27.41 -38.22 21.63
N GLU D 220 -28.14 -37.16 21.37
CA GLU D 220 -29.14 -36.60 22.27
C GLU D 220 -30.49 -36.56 21.58
N ALA D 221 -31.50 -36.08 22.32
CA ALA D 221 -32.88 -36.11 21.83
C ALA D 221 -33.11 -35.05 20.75
N GLU D 222 -32.60 -33.85 20.96
CA GLU D 222 -32.88 -32.73 20.07
C GLU D 222 -31.93 -32.67 18.88
N ASP D 223 -31.02 -33.63 18.75
CA ASP D 223 -30.02 -33.61 17.69
C ASP D 223 -30.51 -34.26 16.41
N VAL D 224 -31.72 -34.84 16.43
CA VAL D 224 -32.23 -35.51 15.25
C VAL D 224 -32.77 -34.47 14.27
N GLY D 225 -32.62 -34.75 12.98
CA GLY D 225 -32.95 -33.79 11.97
C GLY D 225 -32.45 -34.27 10.62
N VAL D 226 -32.25 -33.34 9.70
CA VAL D 226 -31.81 -33.65 8.34
C VAL D 226 -30.42 -33.07 8.14
N TYR D 227 -29.48 -33.91 7.72
CA TYR D 227 -28.09 -33.52 7.57
C TYR D 227 -27.75 -33.37 6.10
N TYR D 228 -27.27 -32.20 5.71
CA TYR D 228 -26.93 -31.89 4.33
C TYR D 228 -25.42 -31.70 4.19
N CYS D 229 -24.85 -32.24 3.11
CA CYS D 229 -23.47 -31.99 2.77
C CYS D 229 -23.41 -31.09 1.54
N MET D 230 -22.70 -29.97 1.66
CA MET D 230 -22.54 -28.98 0.61
C MET D 230 -21.09 -28.96 0.16
N GLN D 231 -20.88 -28.75 -1.14
CA GLN D 231 -19.54 -28.44 -1.64
C GLN D 231 -19.43 -26.94 -1.85
N HIS D 232 -18.20 -26.44 -1.74
CA HIS D 232 -17.94 -25.02 -1.96
C HIS D 232 -16.72 -24.80 -2.83
N LEU D 233 -16.25 -25.85 -3.51
CA LEU D 233 -15.11 -25.72 -4.41
C LEU D 233 -15.41 -24.79 -5.57
N GLU D 234 -16.52 -25.05 -6.28
CA GLU D 234 -16.90 -24.22 -7.41
C GLU D 234 -18.40 -23.99 -7.38
N TYR D 235 -18.79 -22.82 -7.89
CA TYR D 235 -20.21 -22.52 -8.04
C TYR D 235 -20.77 -23.25 -9.26
N PRO D 236 -22.04 -23.68 -9.21
CA PRO D 236 -23.01 -23.57 -8.11
C PRO D 236 -22.75 -24.55 -6.97
N LEU D 237 -23.14 -24.14 -5.76
CA LEU D 237 -22.85 -24.91 -4.55
C LEU D 237 -23.97 -25.91 -4.37
N THR D 238 -23.80 -27.10 -4.95
CA THR D 238 -24.83 -28.12 -4.89
C THR D 238 -24.86 -28.74 -3.49
N PHE D 239 -26.04 -28.78 -2.90
CA PHE D 239 -26.21 -29.41 -1.59
C PHE D 239 -26.38 -30.91 -1.75
N GLY D 240 -26.66 -31.60 -0.66
CA GLY D 240 -26.93 -33.02 -0.68
C GLY D 240 -28.42 -33.30 -0.67
N ALA D 241 -28.76 -34.56 -0.95
CA ALA D 241 -30.16 -34.99 -0.92
C ALA D 241 -30.74 -34.91 0.49
N GLY D 242 -29.90 -35.09 1.51
CA GLY D 242 -30.35 -34.96 2.87
C GLY D 242 -30.61 -36.27 3.57
N THR D 243 -29.78 -36.60 4.55
CA THR D 243 -29.97 -37.79 5.38
C THR D 243 -30.74 -37.39 6.64
N LYS D 244 -31.80 -38.12 6.95
CA LYS D 244 -32.65 -37.82 8.09
C LYS D 244 -32.49 -38.88 9.17
N LEU D 245 -32.53 -38.44 10.42
CA LEU D 245 -32.49 -39.34 11.58
C LEU D 245 -33.83 -39.27 12.29
N GLU D 246 -34.40 -40.43 12.59
CA GLU D 246 -35.66 -40.52 13.32
C GLU D 246 -35.40 -41.15 14.68
N LEU D 247 -35.89 -40.50 15.73
CA LEU D 247 -35.66 -40.94 17.10
C LEU D 247 -36.43 -42.21 17.42
N HIS E 2 -1.46 10.83 -40.56
CA HIS E 2 -0.46 11.89 -40.41
C HIS E 2 0.34 12.04 -41.70
N HIS E 3 0.95 13.21 -41.88
CA HIS E 3 1.59 13.58 -43.14
C HIS E 3 2.87 12.81 -43.42
N GLY E 4 3.39 12.05 -42.45
CA GLY E 4 4.65 11.35 -42.64
C GLY E 4 4.55 10.14 -43.55
N VAL E 5 3.35 9.57 -43.72
CA VAL E 5 3.18 8.33 -44.46
C VAL E 5 2.31 8.50 -45.71
N THR E 6 2.02 9.74 -46.11
CA THR E 6 1.29 9.95 -47.36
C THR E 6 2.16 9.54 -48.54
N LYS E 7 1.56 8.87 -49.53
CA LYS E 7 2.34 8.35 -50.64
C LYS E 7 1.89 8.86 -52.01
N CYS E 8 1.48 10.12 -52.12
CA CYS E 8 1.13 10.71 -53.43
C CYS E 8 2.39 11.26 -54.08
N ASN E 9 3.12 10.34 -54.74
CA ASN E 9 4.36 10.69 -55.42
C ASN E 9 4.12 11.66 -56.56
N ILE E 10 2.90 11.70 -57.11
CA ILE E 10 2.51 12.63 -58.14
C ILE E 10 1.26 13.33 -57.61
N THR E 11 1.25 14.66 -57.67
CA THR E 11 0.15 15.46 -57.16
C THR E 11 -0.19 16.55 -58.17
N CYS E 12 -1.49 16.80 -58.37
CA CYS E 12 -1.95 17.71 -59.39
C CYS E 12 -2.71 18.87 -58.77
N SER E 13 -2.67 20.02 -59.46
CA SER E 13 -3.37 21.22 -59.04
C SER E 13 -4.38 21.73 -60.05
N LYS E 14 -4.23 21.41 -61.33
CA LYS E 14 -5.12 21.89 -62.37
C LYS E 14 -5.23 20.82 -63.44
N MET E 15 -6.45 20.56 -63.90
CA MET E 15 -6.69 19.49 -64.85
C MET E 15 -6.59 20.01 -66.28
N THR E 16 -5.98 19.21 -67.14
CA THR E 16 -5.79 19.58 -68.54
C THR E 16 -7.14 19.61 -69.25
N SER E 17 -7.24 20.44 -70.29
CA SER E 17 -8.49 20.56 -71.04
C SER E 17 -8.62 19.45 -72.09
N LYS E 18 -7.72 19.44 -73.07
CA LYS E 18 -7.82 18.47 -74.16
C LYS E 18 -6.46 18.29 -74.81
N ILE E 19 -5.94 17.07 -74.78
CA ILE E 19 -4.69 16.70 -75.43
C ILE E 19 -5.02 15.68 -76.52
N PRO E 20 -4.54 15.86 -77.74
CA PRO E 20 -4.73 14.81 -78.76
C PRO E 20 -4.06 13.50 -78.35
N VAL E 21 -4.73 12.41 -78.69
CA VAL E 21 -4.30 11.09 -78.23
C VAL E 21 -3.01 10.66 -78.92
N ALA E 22 -2.74 11.19 -80.12
CA ALA E 22 -1.54 10.81 -80.86
C ALA E 22 -0.27 11.23 -80.13
N LEU E 23 -0.27 12.44 -79.56
CA LEU E 23 0.88 12.91 -78.80
C LEU E 23 1.09 12.09 -77.54
N LEU E 24 0.00 11.67 -76.89
CA LEU E 24 0.09 10.87 -75.67
C LEU E 24 0.74 9.52 -75.93
N ILE E 25 1.49 9.04 -74.95
CA ILE E 25 2.20 7.76 -75.08
C ILE E 25 1.71 6.77 -74.04
N HIS E 26 1.78 7.15 -72.76
CA HIS E 26 1.41 6.25 -71.67
C HIS E 26 0.57 6.99 -70.63
N TYR E 27 -0.41 6.29 -70.07
CA TYR E 27 -1.24 6.84 -69.01
C TYR E 27 -1.33 5.85 -67.85
N GLN E 28 -1.28 6.36 -66.62
CA GLN E 28 -1.30 5.51 -65.44
C GLN E 28 -1.83 6.33 -64.27
N GLN E 29 -2.72 5.73 -63.48
CA GLN E 29 -3.35 6.43 -62.37
C GLN E 29 -2.32 6.83 -61.31
N ASN E 30 -2.60 7.94 -60.62
CA ASN E 30 -1.66 8.43 -59.61
C ASN E 30 -1.62 7.47 -58.42
N GLN E 31 -0.53 7.57 -57.65
CA GLN E 31 -0.40 6.78 -56.43
C GLN E 31 -1.51 7.11 -55.44
N ALA E 32 -2.39 6.14 -55.19
CA ALA E 32 -3.66 6.36 -54.51
C ALA E 32 -3.50 6.54 -53.01
N SER E 33 -3.17 7.75 -52.57
CA SER E 33 -3.21 7.99 -51.12
C SER E 33 -3.83 9.31 -50.69
N CYS E 34 -3.95 10.29 -51.58
CA CYS E 34 -4.44 11.64 -51.30
C CYS E 34 -5.88 11.91 -51.69
N GLY E 35 -6.61 10.88 -52.16
CA GLY E 35 -8.01 11.03 -52.52
C GLY E 35 -8.42 11.58 -53.88
N LYS E 36 -7.97 12.78 -54.25
CA LYS E 36 -8.37 13.36 -55.52
C LYS E 36 -7.81 12.54 -56.69
N ARG E 37 -8.70 11.79 -57.35
CA ARG E 37 -8.31 10.85 -58.38
C ARG E 37 -7.85 11.59 -59.63
N ALA E 38 -6.71 11.17 -60.17
CA ALA E 38 -6.19 11.73 -61.41
C ALA E 38 -5.31 10.69 -62.09
N ILE E 39 -5.04 10.91 -63.37
CA ILE E 39 -4.20 10.00 -64.15
C ILE E 39 -3.02 10.81 -64.72
N ILE E 40 -1.80 10.39 -64.37
CA ILE E 40 -0.57 11.00 -64.87
C ILE E 40 -0.18 10.34 -66.18
N LEU E 41 0.21 11.15 -67.16
CA LEU E 41 0.52 10.67 -68.50
C LEU E 41 1.89 11.13 -68.94
N GLU E 42 2.61 10.21 -69.57
CA GLU E 42 3.87 10.46 -70.24
C GLU E 42 3.61 10.65 -71.73
N THR E 43 4.12 11.74 -72.28
CA THR E 43 3.86 12.14 -73.66
C THR E 43 5.08 11.85 -74.53
N ARG E 44 4.99 12.27 -75.80
CA ARG E 44 6.11 12.11 -76.72
C ARG E 44 7.29 13.01 -76.36
N GLN E 45 7.06 14.07 -75.60
CA GLN E 45 8.13 14.94 -75.13
C GLN E 45 8.79 14.39 -73.86
N HIS E 46 8.26 13.27 -73.36
CA HIS E 46 8.74 12.57 -72.15
C HIS E 46 8.69 13.48 -70.92
N ARG E 47 7.67 14.33 -70.85
CA ARG E 47 7.39 15.12 -69.66
C ARG E 47 5.97 14.78 -69.20
N LEU E 48 5.66 15.11 -67.95
CA LEU E 48 4.50 14.55 -67.27
C LEU E 48 3.34 15.54 -67.26
N PHE E 49 2.14 15.03 -67.58
CA PHE E 49 0.93 15.85 -67.59
C PHE E 49 -0.20 15.21 -66.79
N CYS E 50 -1.02 16.06 -66.17
CA CYS E 50 -2.24 15.61 -65.51
C CYS E 50 -3.33 15.29 -66.54
N ALA E 51 -4.28 14.47 -66.11
CA ALA E 51 -5.51 14.27 -66.84
C ALA E 51 -6.58 13.80 -65.86
N ASP E 52 -7.81 14.25 -66.08
CA ASP E 52 -8.94 13.74 -65.31
C ASP E 52 -9.14 12.26 -65.65
N PRO E 53 -9.31 11.39 -64.65
CA PRO E 53 -9.36 9.94 -64.94
C PRO E 53 -10.62 9.44 -65.61
N LYS E 54 -11.49 10.34 -66.07
CA LYS E 54 -12.70 9.97 -66.80
C LYS E 54 -12.55 10.20 -68.29
N GLU E 55 -11.42 10.73 -68.75
CA GLU E 55 -11.17 10.93 -70.17
C GLU E 55 -11.00 9.60 -70.89
N GLN E 56 -11.84 9.36 -71.91
CA GLN E 56 -11.82 8.11 -72.66
C GLN E 56 -10.53 7.82 -73.42
N TRP E 57 -9.67 8.83 -73.65
CA TRP E 57 -8.48 8.59 -74.49
C TRP E 57 -7.50 7.60 -73.87
N VAL E 58 -7.55 7.40 -72.55
CA VAL E 58 -6.71 6.38 -71.92
C VAL E 58 -7.05 5.00 -72.48
N LYS E 59 -8.34 4.74 -72.73
CA LYS E 59 -8.74 3.49 -73.36
C LYS E 59 -8.12 3.38 -74.74
N ASP E 60 -8.13 4.49 -75.48
CA ASP E 60 -7.49 4.50 -76.79
C ASP E 60 -6.00 4.31 -76.65
N ALA E 61 -5.40 4.90 -75.59
CA ALA E 61 -4.00 4.65 -75.30
C ALA E 61 -3.79 3.17 -75.02
N MET E 62 -4.70 2.59 -74.23
CA MET E 62 -4.65 1.16 -73.92
C MET E 62 -4.71 0.35 -75.20
N GLN E 63 -5.45 0.84 -76.20
CA GLN E 63 -5.43 0.23 -77.51
C GLN E 63 -4.03 0.35 -78.12
N HIS E 64 -3.57 1.57 -78.39
CA HIS E 64 -2.40 1.69 -79.25
C HIS E 64 -1.08 1.44 -78.54
N LEU E 65 -1.10 1.15 -77.23
CA LEU E 65 0.10 0.63 -76.61
C LEU E 65 0.30 -0.83 -76.95
N ASP E 66 -0.79 -1.59 -77.14
CA ASP E 66 -0.68 -3.03 -77.37
C ASP E 66 -1.13 -3.50 -78.74
N ARG E 67 -1.90 -2.70 -79.49
CA ARG E 67 -2.24 -3.09 -80.85
C ARG E 67 -1.01 -3.04 -81.76
N GLN E 68 -0.08 -2.13 -81.49
CA GLN E 68 1.14 -2.01 -82.27
C GLN E 68 2.13 -3.10 -81.91
N ASP F 23 -0.98 22.10 -79.92
CA ASP F 23 -0.13 22.35 -78.76
C ASP F 23 -0.58 21.57 -77.53
N TYR F 24 -0.37 22.16 -76.36
CA TYR F 24 -0.65 21.51 -75.08
C TYR F 24 -1.02 22.57 -74.05
N ASP F 25 -1.08 22.15 -72.78
CA ASP F 25 -1.37 23.04 -71.67
C ASP F 25 -0.14 23.08 -70.76
N GLU F 26 0.36 24.29 -70.49
CA GLU F 26 1.66 24.45 -69.85
C GLU F 26 1.61 24.43 -68.33
N ASP F 27 0.51 24.86 -67.71
CA ASP F 27 0.43 25.00 -66.27
C ASP F 27 -0.12 23.76 -65.57
N ALA F 28 -0.27 22.65 -66.29
CA ALA F 28 -0.81 21.42 -65.73
C ALA F 28 0.28 20.39 -65.44
N THR F 29 1.53 20.83 -65.31
CA THR F 29 2.60 19.91 -64.96
C THR F 29 2.57 19.62 -63.46
N PRO F 30 2.49 18.35 -63.05
CA PRO F 30 2.39 18.04 -61.63
C PRO F 30 3.67 18.34 -60.87
N CYS F 31 3.51 18.60 -59.57
CA CYS F 31 4.64 18.76 -58.66
C CYS F 31 4.99 17.38 -58.11
N VAL F 32 6.15 16.88 -58.49
CA VAL F 32 6.51 15.50 -58.24
C VAL F 32 7.02 15.36 -56.81
N PHE F 33 6.93 14.15 -56.26
CA PHE F 33 7.38 13.88 -54.90
C PHE F 33 8.23 12.60 -54.82
N THR F 34 8.98 12.29 -55.87
CA THR F 34 9.82 11.10 -55.83
C THR F 34 11.03 11.29 -54.92
N ASP F 35 11.83 12.35 -55.17
CA ASP F 35 13.02 12.60 -54.36
C ASP F 35 12.67 12.91 -52.91
N VAL F 36 11.51 13.55 -52.69
CA VAL F 36 11.06 13.85 -51.33
C VAL F 36 10.87 12.57 -50.54
N LEU F 37 10.15 11.60 -51.10
CA LEU F 37 9.93 10.33 -50.41
C LEU F 37 11.22 9.53 -50.28
N ASN F 38 12.05 9.51 -51.34
CA ASN F 38 13.30 8.75 -51.28
C ASN F 38 14.25 9.30 -50.22
N GLN F 39 14.38 10.62 -50.12
CA GLN F 39 15.19 11.19 -49.06
C GLN F 39 14.50 11.13 -47.70
N SER F 40 13.17 11.03 -47.67
CA SER F 40 12.46 10.98 -46.41
C SER F 40 12.56 9.61 -45.75
N LYS F 41 12.60 8.54 -46.54
CA LYS F 41 12.60 7.17 -46.01
C LYS F 41 13.67 6.87 -44.96
N PRO F 42 14.99 7.16 -45.17
CA PRO F 42 15.99 6.79 -44.13
C PRO F 42 15.80 7.55 -42.84
N VAL F 43 15.61 8.88 -42.93
CA VAL F 43 15.45 9.71 -41.75
C VAL F 43 14.18 9.33 -40.98
N THR F 44 13.08 9.10 -41.71
CA THR F 44 11.83 8.75 -41.06
C THR F 44 11.93 7.39 -40.37
N LEU F 45 12.51 6.39 -41.05
CA LEU F 45 12.66 5.08 -40.44
C LEU F 45 13.58 5.12 -39.23
N PHE F 46 14.66 5.91 -39.29
CA PHE F 46 15.59 6.01 -38.17
C PHE F 46 14.92 6.66 -36.97
N LEU F 47 14.19 7.75 -37.19
CA LEU F 47 13.54 8.44 -36.08
C LEU F 47 12.38 7.63 -35.52
N TYR F 48 11.68 6.87 -36.36
CA TYR F 48 10.65 5.95 -35.89
C TYR F 48 11.24 4.86 -35.00
N GLY F 49 12.36 4.27 -35.42
CA GLY F 49 12.98 3.24 -34.58
C GLY F 49 13.50 3.79 -33.27
N VAL F 50 14.10 4.99 -33.30
CA VAL F 50 14.58 5.64 -32.08
C VAL F 50 13.43 5.90 -31.12
N VAL F 51 12.32 6.44 -31.63
CA VAL F 51 11.15 6.68 -30.81
C VAL F 51 10.60 5.38 -30.24
N PHE F 52 10.54 4.33 -31.07
CA PHE F 52 10.00 3.05 -30.61
C PHE F 52 10.81 2.49 -29.45
N LEU F 53 12.13 2.49 -29.56
CA LEU F 53 12.87 1.77 -28.53
C LEU F 53 13.07 2.63 -27.27
N PHE F 54 13.43 3.91 -27.45
CA PHE F 54 13.56 4.80 -26.31
C PHE F 54 12.23 4.98 -25.58
N GLY F 55 11.15 5.29 -26.29
CA GLY F 55 9.87 5.47 -25.64
C GLY F 55 9.31 4.20 -25.02
N SER F 56 9.56 3.05 -25.66
CA SER F 56 9.11 1.79 -25.08
C SER F 56 9.79 1.51 -23.76
N ILE F 57 11.13 1.66 -23.70
CA ILE F 57 11.81 1.41 -22.43
C ILE F 57 11.48 2.49 -21.41
N GLY F 58 11.34 3.75 -21.85
CA GLY F 58 11.07 4.83 -20.92
C GLY F 58 9.68 4.80 -20.32
N ASN F 59 8.71 4.24 -21.04
CA ASN F 59 7.38 4.10 -20.48
C ASN F 59 7.19 2.78 -19.74
N PHE F 60 7.88 1.72 -20.17
CA PHE F 60 7.88 0.48 -19.40
C PHE F 60 8.53 0.69 -18.04
N LEU F 61 9.54 1.56 -17.96
CA LEU F 61 10.13 1.89 -16.68
C LEU F 61 9.13 2.57 -15.76
N VAL F 62 8.33 3.52 -16.29
CA VAL F 62 7.31 4.19 -15.49
C VAL F 62 6.26 3.19 -15.00
N ILE F 63 5.82 2.32 -15.91
CA ILE F 63 4.82 1.30 -15.54
C ILE F 63 5.36 0.40 -14.45
N PHE F 64 6.55 -0.18 -14.64
CA PHE F 64 7.13 -1.06 -13.64
C PHE F 64 7.45 -0.32 -12.34
N THR F 65 7.70 0.99 -12.41
CA THR F 65 8.01 1.77 -11.24
C THR F 65 6.77 2.11 -10.43
N ILE F 66 5.60 2.17 -11.04
CA ILE F 66 4.37 2.56 -10.35
C ILE F 66 3.43 1.38 -10.14
N THR F 67 3.15 0.62 -11.21
CA THR F 67 2.17 -0.47 -11.13
C THR F 67 2.61 -1.60 -10.20
N TRP F 68 3.88 -2.01 -10.24
CA TRP F 68 4.31 -3.14 -9.43
C TRP F 68 4.31 -2.81 -7.94
N ARG F 69 4.71 -1.59 -7.57
CA ARG F 69 4.70 -1.23 -6.17
C ARG F 69 3.33 -0.83 -5.67
N ARG F 70 2.36 -0.66 -6.59
CA ARG F 70 0.97 -0.29 -6.30
C ARG F 70 0.93 1.01 -5.48
N ARG F 71 1.78 1.96 -5.88
CA ARG F 71 1.94 3.24 -5.18
C ARG F 71 1.10 4.34 -5.80
N ILE F 72 -0.08 4.00 -6.30
CA ILE F 72 -0.99 4.99 -6.90
C ILE F 72 -1.78 5.58 -5.74
N GLN F 73 -1.17 6.57 -5.08
CA GLN F 73 -1.75 7.18 -3.90
C GLN F 73 -2.25 8.61 -4.10
N CYS F 74 -1.63 9.37 -4.99
CA CYS F 74 -2.11 10.72 -5.31
C CYS F 74 -2.61 10.74 -6.75
N SER F 75 -3.26 11.85 -7.10
CA SER F 75 -3.75 12.02 -8.46
C SER F 75 -2.60 12.11 -9.46
N GLY F 76 -1.47 12.65 -9.03
CA GLY F 76 -0.27 12.67 -9.87
C GLY F 76 0.11 11.30 -10.39
N ASP F 77 0.09 10.28 -9.53
CA ASP F 77 0.36 8.91 -9.98
C ASP F 77 -0.62 8.47 -11.06
N VAL F 78 -1.90 8.78 -10.88
CA VAL F 78 -2.92 8.40 -11.85
C VAL F 78 -2.65 9.05 -13.20
N TYR F 79 -2.32 10.34 -13.19
CA TYR F 79 -2.08 11.04 -14.44
C TYR F 79 -0.75 10.61 -15.09
N PHE F 80 0.26 10.30 -14.28
CA PHE F 80 1.50 9.74 -14.83
C PHE F 80 1.24 8.39 -15.49
N ILE F 81 0.44 7.54 -14.83
CA ILE F 81 0.09 6.24 -15.40
C ILE F 81 -0.68 6.40 -16.70
N ASN F 82 -1.63 7.32 -16.74
CA ASN F 82 -2.43 7.54 -17.95
C ASN F 82 -1.58 8.08 -19.09
N LEU F 83 -0.71 9.05 -18.81
CA LEU F 83 0.16 9.59 -19.86
C LEU F 83 1.16 8.54 -20.34
N ALA F 84 1.73 7.75 -19.44
CA ALA F 84 2.64 6.69 -19.83
C ALA F 84 1.94 5.62 -20.65
N ALA F 85 0.69 5.30 -20.30
CA ALA F 85 -0.09 4.35 -21.09
C ALA F 85 -0.41 4.91 -22.47
N ALA F 86 -0.72 6.20 -22.55
CA ALA F 86 -0.99 6.82 -23.86
C ALA F 86 0.24 6.81 -24.75
N ASP F 87 1.40 7.17 -24.19
CA ASP F 87 2.64 7.09 -24.95
C ASP F 87 2.99 5.64 -25.31
N LEU F 88 2.68 4.70 -24.43
CA LEU F 88 2.94 3.29 -24.71
C LEU F 88 2.09 2.80 -25.87
N LEU F 89 0.81 3.17 -25.88
CA LEU F 89 -0.06 2.81 -26.99
C LEU F 89 0.39 3.49 -28.28
N PHE F 90 0.89 4.72 -28.17
CA PHE F 90 1.44 5.43 -29.33
C PHE F 90 2.62 4.68 -29.92
N VAL F 91 3.62 4.34 -29.09
CA VAL F 91 4.78 3.63 -29.59
C VAL F 91 4.51 2.17 -29.91
N CYS F 92 3.36 1.65 -29.48
CA CYS F 92 2.98 0.31 -29.91
C CYS F 92 2.26 0.31 -31.25
N THR F 93 1.50 1.36 -31.55
CA THR F 93 0.98 1.53 -32.91
C THR F 93 2.04 2.01 -33.89
N LEU F 94 3.15 2.56 -33.39
CA LEU F 94 4.20 3.04 -34.27
C LEU F 94 4.82 1.99 -35.21
N PRO F 95 5.22 0.78 -34.75
CA PRO F 95 5.84 -0.17 -35.70
C PRO F 95 4.94 -0.60 -36.85
N LEU F 96 3.61 -0.62 -36.62
CA LEU F 96 2.70 -0.91 -37.72
C LEU F 96 2.79 0.15 -38.81
N TRP F 97 2.91 1.42 -38.43
CA TRP F 97 3.16 2.48 -39.40
C TRP F 97 4.54 2.33 -40.04
N MET F 98 5.52 1.89 -39.25
CA MET F 98 6.87 1.68 -39.79
C MET F 98 6.86 0.60 -40.88
N GLN F 99 6.14 -0.49 -40.65
CA GLN F 99 5.99 -1.53 -41.66
C GLN F 99 5.16 -1.03 -42.84
N TYR F 100 4.15 -0.22 -42.56
CA TYR F 100 3.32 0.40 -43.58
C TYR F 100 4.14 1.29 -44.51
N LEU F 101 5.21 1.87 -43.99
CA LEU F 101 6.09 2.73 -44.77
C LEU F 101 7.24 2.00 -45.48
N LEU F 102 7.83 0.97 -44.84
CA LEU F 102 8.98 0.22 -45.37
C LEU F 102 8.97 -0.07 -46.87
N ASP F 103 7.97 -0.82 -47.34
CA ASP F 103 7.75 -1.21 -48.73
C ASP F 103 6.28 -1.59 -48.90
N HIS F 104 5.99 -2.23 -50.03
CA HIS F 104 4.65 -2.69 -50.40
C HIS F 104 4.38 -4.10 -49.89
N ASN F 105 5.31 -4.69 -49.13
CA ASN F 105 5.13 -6.02 -48.55
C ASN F 105 3.95 -6.04 -47.59
N SER F 106 3.62 -4.88 -46.99
CA SER F 106 2.48 -4.75 -46.10
C SER F 106 1.20 -4.70 -46.93
N LEU F 107 0.83 -5.88 -47.45
CA LEU F 107 -0.32 -6.12 -48.31
C LEU F 107 -1.56 -6.43 -47.49
N ALA F 108 -2.31 -5.38 -47.15
CA ALA F 108 -3.53 -5.38 -46.34
C ALA F 108 -3.36 -5.81 -44.88
N SER F 109 -2.14 -6.16 -44.47
CA SER F 109 -1.84 -6.46 -43.07
C SER F 109 -1.91 -5.27 -42.12
N VAL F 110 -2.21 -4.05 -42.58
CA VAL F 110 -2.26 -2.87 -41.73
C VAL F 110 -3.62 -2.16 -41.72
N PRO F 111 -4.56 -2.57 -40.87
CA PRO F 111 -5.94 -2.08 -40.99
C PRO F 111 -6.09 -0.60 -40.65
N CYS F 112 -5.90 0.24 -41.69
CA CYS F 112 -5.77 1.71 -41.62
C CYS F 112 -6.63 2.41 -40.56
N THR F 113 -7.93 2.11 -40.53
CA THR F 113 -8.87 2.90 -39.74
C THR F 113 -8.56 2.81 -38.25
N LEU F 114 -8.45 1.58 -37.72
CA LEU F 114 -8.21 1.40 -36.30
C LEU F 114 -6.79 1.84 -35.92
N LEU F 115 -5.82 1.64 -36.82
CA LEU F 115 -4.46 2.06 -36.56
C LEU F 115 -4.36 3.58 -36.44
N THR F 116 -4.95 4.31 -37.39
CA THR F 116 -5.02 5.76 -37.33
C THR F 116 -5.78 6.23 -36.11
N ALA F 117 -6.87 5.52 -35.77
CA ALA F 117 -7.65 5.83 -34.58
C ALA F 117 -6.80 5.77 -33.32
N CYS F 118 -6.10 4.66 -33.12
CA CYS F 118 -5.27 4.51 -31.93
C CYS F 118 -4.12 5.50 -31.93
N PHE F 119 -3.53 5.78 -33.11
CA PHE F 119 -2.43 6.74 -33.21
C PHE F 119 -2.87 8.13 -32.76
N TYR F 120 -3.96 8.63 -33.35
CA TYR F 120 -4.42 9.99 -33.01
C TYR F 120 -4.98 10.05 -31.61
N VAL F 121 -5.66 9.00 -31.15
CA VAL F 121 -6.15 8.96 -29.77
C VAL F 121 -4.99 9.00 -28.80
N ALA F 122 -3.91 8.26 -29.08
CA ALA F 122 -2.74 8.28 -28.21
C ALA F 122 -2.07 9.65 -28.19
N MET F 123 -1.92 10.29 -29.36
CA MET F 123 -1.30 11.61 -29.41
C MET F 123 -2.11 12.65 -28.65
N PHE F 124 -3.41 12.73 -28.94
CA PHE F 124 -4.27 13.70 -28.26
C PHE F 124 -4.42 13.38 -26.79
N ALA F 125 -4.36 12.09 -26.41
CA ALA F 125 -4.44 11.73 -25.00
C ALA F 125 -3.17 12.10 -24.26
N SER F 126 -2.01 11.94 -24.91
CA SER F 126 -0.76 12.39 -24.30
C SER F 126 -0.78 13.89 -24.04
N LEU F 127 -1.25 14.67 -25.03
CA LEU F 127 -1.32 16.12 -24.82
C LEU F 127 -2.37 16.49 -23.78
N CYS F 128 -3.53 15.79 -23.80
CA CYS F 128 -4.57 16.05 -22.81
C CYS F 128 -4.11 15.73 -21.40
N PHE F 129 -3.33 14.66 -21.23
CA PHE F 129 -2.84 14.34 -19.89
C PHE F 129 -1.66 15.20 -19.48
N ILE F 130 -0.90 15.76 -20.43
CA ILE F 130 0.03 16.84 -20.09
C ILE F 130 -0.73 18.03 -19.51
N THR F 131 -1.84 18.39 -20.17
CA THR F 131 -2.71 19.46 -19.67
C THR F 131 -3.29 19.11 -18.30
N GLU F 132 -3.68 17.86 -18.10
CA GLU F 132 -4.29 17.44 -16.84
C GLU F 132 -3.26 17.43 -15.71
N ILE F 133 -2.02 17.04 -16.01
CA ILE F 133 -0.94 17.12 -15.03
C ILE F 133 -0.71 18.56 -14.62
N ALA F 134 -0.68 19.48 -15.60
CA ALA F 134 -0.51 20.90 -15.27
C ALA F 134 -1.66 21.42 -14.43
N LEU F 135 -2.90 21.05 -14.76
CA LEU F 135 -4.06 21.47 -13.98
C LEU F 135 -4.01 20.90 -12.56
N ASP F 136 -3.61 19.64 -12.43
CA ASP F 136 -3.52 19.01 -11.11
C ASP F 136 -2.48 19.69 -10.23
N ARG F 137 -1.30 19.97 -10.80
CA ARG F 137 -0.27 20.69 -10.05
C ARG F 137 -0.73 22.08 -9.68
N TYR F 138 -1.41 22.77 -10.60
CA TYR F 138 -1.92 24.11 -10.33
C TYR F 138 -2.95 24.09 -9.21
N TYR F 139 -3.85 23.12 -9.23
CA TYR F 139 -4.88 23.07 -8.19
C TYR F 139 -4.32 22.59 -6.86
N ALA F 140 -3.28 21.76 -6.88
CA ALA F 140 -2.68 21.30 -5.63
C ALA F 140 -1.80 22.36 -4.98
N ILE F 141 -1.19 23.24 -5.77
CA ILE F 141 -0.24 24.19 -5.19
C ILE F 141 -0.89 25.54 -4.88
N VAL F 142 -1.41 26.22 -5.89
CA VAL F 142 -1.85 27.60 -5.65
C VAL F 142 -3.19 27.66 -4.92
N TYR F 143 -3.96 26.57 -4.92
CA TYR F 143 -5.25 26.54 -4.25
C TYR F 143 -5.34 25.49 -3.16
N MET F 144 -4.46 24.49 -3.16
CA MET F 144 -4.47 23.36 -2.23
C MET F 144 -5.80 22.60 -2.30
N ARG F 145 -6.34 22.46 -3.50
CA ARG F 145 -7.57 21.72 -3.73
C ARG F 145 -7.22 20.42 -4.44
N TYR F 146 -6.90 19.40 -3.65
CA TYR F 146 -6.39 18.14 -4.19
C TYR F 146 -7.53 17.32 -4.79
N ARG F 147 -7.14 16.35 -5.61
CA ARG F 147 -8.10 15.48 -6.28
C ARG F 147 -7.89 14.05 -5.79
N PRO F 148 -8.90 13.44 -5.18
CA PRO F 148 -8.77 12.03 -4.77
C PRO F 148 -8.67 11.09 -5.96
N VAL F 149 -8.02 9.95 -5.73
CA VAL F 149 -7.82 8.96 -6.78
C VAL F 149 -9.15 8.40 -7.28
N LYS F 150 -10.16 8.34 -6.41
CA LYS F 150 -11.49 7.94 -6.85
C LYS F 150 -12.06 8.91 -7.88
N GLN F 151 -11.77 10.20 -7.74
CA GLN F 151 -12.13 11.17 -8.77
C GLN F 151 -11.07 11.30 -9.85
N ALA F 152 -9.81 10.93 -9.56
CA ALA F 152 -8.78 10.94 -10.59
C ALA F 152 -9.06 9.91 -11.66
N CYS F 153 -9.58 8.74 -11.29
CA CYS F 153 -9.95 7.74 -12.29
C CYS F 153 -11.11 8.23 -13.15
N LEU F 154 -12.08 8.92 -12.54
CA LEU F 154 -13.18 9.51 -13.29
C LEU F 154 -12.67 10.56 -14.27
N PHE F 155 -11.74 11.40 -13.83
CA PHE F 155 -11.21 12.40 -14.75
C PHE F 155 -10.32 11.78 -15.82
N SER F 156 -9.67 10.66 -15.51
CA SER F 156 -8.88 9.94 -16.51
C SER F 156 -9.78 9.36 -17.60
N ILE F 157 -10.89 8.73 -17.22
CA ILE F 157 -11.79 8.21 -18.24
C ILE F 157 -12.47 9.35 -19.00
N PHE F 158 -12.74 10.47 -18.34
CA PHE F 158 -13.28 11.63 -19.06
C PHE F 158 -12.29 12.17 -20.07
N TRP F 159 -11.00 12.24 -19.71
CA TRP F 159 -10.00 12.74 -20.63
C TRP F 159 -9.76 11.77 -21.78
N TRP F 160 -9.82 10.46 -21.51
CA TRP F 160 -9.74 9.49 -22.60
C TRP F 160 -10.94 9.60 -23.55
N ILE F 161 -12.13 9.79 -22.99
CA ILE F 161 -13.33 10.00 -23.80
C ILE F 161 -13.17 11.24 -24.67
N PHE F 162 -12.68 12.33 -24.08
CA PHE F 162 -12.46 13.56 -24.83
C PHE F 162 -11.38 13.37 -25.89
N ALA F 163 -10.36 12.57 -25.58
CA ALA F 163 -9.30 12.29 -26.54
C ALA F 163 -9.83 11.54 -27.75
N VAL F 164 -10.76 10.60 -27.53
CA VAL F 164 -11.40 9.94 -28.65
C VAL F 164 -12.32 10.90 -29.40
N ILE F 165 -13.04 11.76 -28.66
CA ILE F 165 -13.96 12.71 -29.27
C ILE F 165 -13.21 13.75 -30.11
N ILE F 166 -12.04 14.20 -29.63
CA ILE F 166 -11.26 15.15 -30.44
C ILE F 166 -10.54 14.46 -31.58
N ALA F 167 -10.55 13.13 -31.62
CA ALA F 167 -9.84 12.40 -32.66
C ALA F 167 -10.75 11.83 -33.75
N ILE F 168 -12.06 11.76 -33.53
CA ILE F 168 -12.96 11.21 -34.56
C ILE F 168 -12.92 11.94 -35.90
N PRO F 169 -12.77 13.31 -36.00
CA PRO F 169 -12.66 13.88 -37.35
C PRO F 169 -11.32 13.62 -38.02
N HIS F 170 -10.47 12.80 -37.41
CA HIS F 170 -9.21 12.39 -38.02
C HIS F 170 -9.20 10.96 -38.53
N PHE F 171 -9.97 10.05 -37.90
CA PHE F 171 -9.98 8.66 -38.34
C PHE F 171 -11.33 8.18 -38.86
N MET F 172 -12.39 9.01 -38.81
CA MET F 172 -13.66 8.58 -39.38
C MET F 172 -13.65 8.56 -40.90
N VAL F 173 -12.61 9.08 -41.53
CA VAL F 173 -12.55 9.15 -42.99
C VAL F 173 -11.52 8.19 -43.56
N VAL F 174 -10.53 7.75 -42.78
CA VAL F 174 -9.45 6.95 -43.33
C VAL F 174 -9.94 5.54 -43.68
N THR F 175 -10.17 5.32 -44.97
CA THR F 175 -10.65 4.06 -45.50
C THR F 175 -9.50 3.40 -46.24
N LYS F 176 -9.31 2.11 -46.01
CA LYS F 176 -8.19 1.39 -46.60
C LYS F 176 -8.41 1.23 -48.11
N LYS F 177 -7.38 0.77 -48.82
CA LYS F 177 -7.43 0.51 -50.25
C LYS F 177 -6.52 -0.71 -50.49
N ASP F 178 -6.09 -0.92 -51.73
CA ASP F 178 -5.31 -2.10 -52.11
C ASP F 178 -4.00 -2.20 -51.34
N ASN F 179 -3.26 -1.11 -51.25
CA ASN F 179 -1.97 -1.13 -50.55
C ASN F 179 -1.93 -0.18 -49.37
N GLN F 180 -2.53 1.00 -49.49
CA GLN F 180 -2.32 2.06 -48.52
C GLN F 180 -3.65 2.66 -48.07
N CYS F 181 -3.60 3.80 -47.39
CA CYS F 181 -4.77 4.42 -46.77
C CYS F 181 -5.29 5.55 -47.66
N MET F 182 -6.58 5.84 -47.54
CA MET F 182 -7.27 6.82 -48.37
C MET F 182 -8.00 7.82 -47.50
N THR F 183 -8.13 9.04 -48.02
CA THR F 183 -9.14 10.01 -47.58
C THR F 183 -9.68 10.70 -48.82
N ASP F 184 -10.95 10.44 -49.12
CA ASP F 184 -11.59 10.97 -50.33
C ASP F 184 -12.01 12.42 -50.14
N TYR F 185 -11.04 13.33 -50.27
CA TYR F 185 -11.31 14.76 -50.08
C TYR F 185 -12.27 15.29 -51.12
N ASP F 186 -12.28 14.71 -52.33
CA ASP F 186 -13.27 15.08 -53.32
C ASP F 186 -14.69 14.77 -52.86
N TYR F 187 -14.88 13.61 -52.22
CA TYR F 187 -16.17 13.27 -51.65
C TYR F 187 -16.43 14.06 -50.37
N LEU F 188 -15.39 14.56 -49.73
CA LEU F 188 -15.53 15.39 -48.53
C LEU F 188 -15.83 16.84 -48.92
N GLU F 189 -15.90 17.70 -47.91
CA GLU F 189 -16.21 19.10 -48.13
C GLU F 189 -14.99 19.83 -48.71
N VAL F 190 -15.21 21.10 -49.05
CA VAL F 190 -14.14 21.91 -49.65
C VAL F 190 -13.01 22.15 -48.65
N SER F 191 -13.35 22.40 -47.39
CA SER F 191 -12.38 22.75 -46.37
C SER F 191 -12.24 21.69 -45.29
N TYR F 192 -12.37 20.42 -45.65
CA TYR F 192 -12.14 19.37 -44.66
C TYR F 192 -10.69 19.28 -44.21
N PRO F 193 -9.66 19.35 -45.07
CA PRO F 193 -8.29 19.47 -44.54
C PRO F 193 -8.10 20.69 -43.67
N ILE F 194 -8.77 21.79 -43.98
CA ILE F 194 -8.75 22.97 -43.13
C ILE F 194 -9.34 22.66 -41.76
N ILE F 195 -10.53 22.07 -41.73
CA ILE F 195 -11.22 21.80 -40.48
C ILE F 195 -10.61 20.64 -39.70
N LEU F 196 -9.70 19.89 -40.33
CA LEU F 196 -8.97 18.86 -39.61
C LEU F 196 -7.68 19.42 -39.01
N ASN F 197 -6.88 20.10 -39.83
CA ASN F 197 -5.60 20.55 -39.30
C ASN F 197 -5.75 21.79 -38.43
N VAL F 198 -6.85 22.54 -38.53
CA VAL F 198 -7.00 23.66 -37.60
C VAL F 198 -7.28 23.14 -36.20
N GLU F 199 -7.99 22.02 -36.08
CA GLU F 199 -8.13 21.36 -34.79
C GLU F 199 -6.83 20.70 -34.38
N LEU F 200 -6.04 20.24 -35.36
CA LEU F 200 -4.74 19.64 -35.05
C LEU F 200 -3.77 20.67 -34.46
N MET F 201 -3.82 21.93 -34.90
CA MET F 201 -2.99 22.94 -34.25
C MET F 201 -3.66 23.48 -32.99
N LEU F 202 -4.84 24.09 -33.12
CA LEU F 202 -5.46 24.79 -31.98
C LEU F 202 -5.79 23.83 -30.85
N GLY F 203 -6.38 22.68 -31.17
CA GLY F 203 -6.75 21.74 -30.13
C GLY F 203 -5.55 21.11 -29.44
N ALA F 204 -4.50 20.81 -30.20
CA ALA F 204 -3.37 20.05 -29.68
C ALA F 204 -2.15 20.89 -29.38
N PHE F 205 -2.11 22.15 -29.78
CA PHE F 205 -0.95 22.96 -29.46
C PHE F 205 -1.31 24.28 -28.79
N VAL F 206 -2.42 24.91 -29.15
CA VAL F 206 -2.76 26.19 -28.55
C VAL F 206 -3.30 26.01 -27.14
N ILE F 207 -4.34 25.17 -27.00
CA ILE F 207 -4.90 24.89 -25.68
C ILE F 207 -3.90 24.24 -24.72
N PRO F 208 -3.18 23.16 -25.08
CA PRO F 208 -2.27 22.56 -24.09
C PRO F 208 -1.13 23.46 -23.70
N LEU F 209 -0.49 24.14 -24.66
CA LEU F 209 0.60 25.05 -24.31
C LEU F 209 0.11 26.22 -23.48
N SER F 210 -1.06 26.78 -23.82
CA SER F 210 -1.60 27.87 -23.03
C SER F 210 -1.89 27.42 -21.60
N VAL F 211 -2.47 26.25 -21.43
CA VAL F 211 -2.81 25.77 -20.09
C VAL F 211 -1.55 25.49 -19.28
N ILE F 212 -0.58 24.77 -19.86
CA ILE F 212 0.62 24.45 -19.11
C ILE F 212 1.43 25.71 -18.81
N SER F 213 1.46 26.66 -19.74
CA SER F 213 2.19 27.91 -19.51
C SER F 213 1.56 28.72 -18.39
N TYR F 214 0.24 28.88 -18.41
CA TYR F 214 -0.44 29.66 -17.37
C TYR F 214 -0.31 28.99 -16.01
N CYS F 215 -0.62 27.68 -15.94
CA CYS F 215 -0.55 26.98 -14.67
C CYS F 215 0.87 26.94 -14.10
N TYR F 216 1.85 26.65 -14.96
CA TYR F 216 3.23 26.58 -14.49
C TYR F 216 3.78 27.95 -14.13
N TYR F 217 3.38 29.01 -14.83
CA TYR F 217 3.79 30.34 -14.41
C TYR F 217 3.18 30.73 -13.08
N ARG F 218 1.91 30.36 -12.85
CA ARG F 218 1.28 30.65 -11.57
C ARG F 218 1.97 29.92 -10.42
N ILE F 219 2.22 28.61 -10.59
CA ILE F 219 2.90 27.91 -9.51
C ILE F 219 4.37 28.28 -9.41
N SER F 220 4.98 28.80 -10.48
CA SER F 220 6.35 29.29 -10.36
C SER F 220 6.39 30.61 -9.61
N ARG F 221 5.39 31.47 -9.83
CA ARG F 221 5.24 32.67 -9.01
C ARG F 221 5.03 32.30 -7.55
N ILE F 222 4.29 31.23 -7.29
CA ILE F 222 4.08 30.79 -5.90
C ILE F 222 5.38 30.28 -5.29
N VAL F 223 6.12 29.41 -6.00
CA VAL F 223 7.35 28.87 -5.44
C VAL F 223 8.49 29.87 -5.41
N ALA F 224 8.35 31.00 -6.12
CA ALA F 224 9.32 32.08 -5.94
C ALA F 224 9.20 32.71 -4.57
N VAL F 225 7.97 32.89 -4.08
CA VAL F 225 7.76 33.49 -2.77
C VAL F 225 8.00 32.47 -1.66
N SER F 226 7.66 31.21 -1.88
CA SER F 226 7.81 30.18 -0.86
C SER F 226 9.28 29.92 -0.56
N GLN F 227 9.54 29.50 0.68
CA GLN F 227 10.90 29.26 1.16
C GLN F 227 11.23 27.79 0.95
N SER F 228 12.02 27.50 -0.09
CA SER F 228 12.45 26.15 -0.39
C SER F 228 13.94 26.14 -0.69
N ARG F 229 14.57 24.99 -0.48
CA ARG F 229 15.98 24.83 -0.80
C ARG F 229 16.24 24.49 -2.26
N HIS F 230 15.20 24.15 -3.02
CA HIS F 230 15.34 23.76 -4.41
C HIS F 230 14.47 24.61 -5.33
N LYS F 231 14.20 25.86 -4.93
CA LYS F 231 13.32 26.72 -5.72
C LYS F 231 13.91 27.01 -7.11
N GLY F 232 15.23 27.23 -7.18
CA GLY F 232 15.87 27.40 -8.47
C GLY F 232 15.78 26.17 -9.35
N ARG F 233 15.99 24.99 -8.77
CA ARG F 233 15.88 23.75 -9.54
C ARG F 233 14.44 23.49 -9.97
N ILE F 234 13.48 23.81 -9.10
CA ILE F 234 12.06 23.68 -9.44
C ILE F 234 11.71 24.56 -10.64
N VAL F 235 12.15 25.83 -10.60
CA VAL F 235 11.87 26.74 -11.71
C VAL F 235 12.61 26.28 -12.97
N ARG F 236 13.82 25.73 -12.82
CA ARG F 236 14.57 25.22 -13.96
C ARG F 236 13.82 24.07 -14.65
N VAL F 237 13.32 23.11 -13.86
CA VAL F 237 12.56 21.99 -14.45
C VAL F 237 11.25 22.49 -15.04
N LEU F 238 10.59 23.43 -14.38
CA LEU F 238 9.31 23.96 -14.84
C LEU F 238 9.46 24.69 -16.17
N ILE F 239 10.53 25.45 -16.34
CA ILE F 239 10.76 26.11 -17.61
C ILE F 239 11.28 25.10 -18.64
N ALA F 240 11.99 24.07 -18.19
CA ALA F 240 12.59 23.11 -19.11
C ALA F 240 11.53 22.23 -19.78
N VAL F 241 10.48 21.86 -19.05
CA VAL F 241 9.43 21.03 -19.67
C VAL F 241 8.69 21.81 -20.76
N VAL F 242 8.36 23.07 -20.49
CA VAL F 242 7.70 23.92 -21.48
C VAL F 242 8.65 24.22 -22.64
N LEU F 243 9.94 24.37 -22.34
CA LEU F 243 10.93 24.59 -23.39
C LEU F 243 11.05 23.38 -24.30
N VAL F 244 11.05 22.17 -23.73
CA VAL F 244 11.10 20.96 -24.54
C VAL F 244 9.86 20.85 -25.41
N PHE F 245 8.69 21.14 -24.82
CA PHE F 245 7.43 21.15 -25.57
C PHE F 245 7.50 22.12 -26.75
N ILE F 246 8.00 23.34 -26.51
CA ILE F 246 8.07 24.34 -27.56
C ILE F 246 9.04 23.93 -28.65
N ILE F 247 10.26 23.53 -28.25
CA ILE F 247 11.30 23.19 -29.22
C ILE F 247 10.92 21.96 -30.05
N PHE F 248 10.08 21.07 -29.49
CA PHE F 248 9.73 19.87 -30.22
C PHE F 248 8.42 19.96 -30.99
N TRP F 249 7.49 20.83 -30.60
CA TRP F 249 6.21 20.93 -31.30
C TRP F 249 6.02 22.18 -32.14
N LEU F 250 6.68 23.30 -31.80
CA LEU F 250 6.49 24.54 -32.53
C LEU F 250 6.85 24.49 -34.02
N PRO F 251 7.97 23.88 -34.48
CA PRO F 251 8.15 23.76 -35.94
C PRO F 251 7.06 22.97 -36.63
N TYR F 252 6.53 21.94 -35.96
CA TYR F 252 5.46 21.15 -36.55
C TYR F 252 4.22 21.98 -36.78
N HIS F 253 3.84 22.81 -35.82
CA HIS F 253 2.63 23.59 -36.02
C HIS F 253 2.86 24.84 -36.85
N LEU F 254 4.10 25.33 -36.98
CA LEU F 254 4.38 26.34 -38.00
C LEU F 254 4.25 25.75 -39.41
N THR F 255 4.75 24.53 -39.62
CA THR F 255 4.56 23.87 -40.91
C THR F 255 3.08 23.58 -41.17
N LEU F 256 2.34 23.20 -40.13
CA LEU F 256 0.90 23.03 -40.29
C LEU F 256 0.21 24.35 -40.60
N PHE F 257 0.71 25.45 -40.03
CA PHE F 257 0.10 26.75 -40.29
C PHE F 257 0.33 27.20 -41.73
N VAL F 258 1.55 27.05 -42.24
CA VAL F 258 1.78 27.40 -43.64
C VAL F 258 1.11 26.41 -44.57
N ASP F 259 0.90 25.16 -44.12
CA ASP F 259 0.09 24.21 -44.89
C ASP F 259 -1.36 24.68 -44.96
N THR F 260 -1.89 25.22 -43.86
CA THR F 260 -3.23 25.80 -43.86
C THR F 260 -3.31 27.00 -44.78
N LEU F 261 -2.25 27.81 -44.79
CA LEU F 261 -2.17 28.94 -45.72
C LEU F 261 -2.24 28.45 -47.17
N LYS F 262 -1.46 27.42 -47.50
CA LYS F 262 -1.52 26.84 -48.85
C LYS F 262 -2.90 26.30 -49.18
N LEU F 263 -3.47 25.51 -48.27
CA LEU F 263 -4.78 24.90 -48.51
C LEU F 263 -5.91 25.90 -48.48
N LEU F 264 -5.67 27.13 -48.01
CA LEU F 264 -6.62 28.22 -48.17
C LEU F 264 -6.24 29.13 -49.33
N LYS F 265 -5.30 28.68 -50.18
CA LYS F 265 -4.86 29.39 -51.39
C LYS F 265 -4.34 30.79 -51.09
N TRP F 266 -3.51 30.90 -50.05
CA TRP F 266 -3.13 32.19 -49.51
C TRP F 266 -1.67 32.58 -49.76
N ILE F 267 -0.78 31.64 -50.08
CA ILE F 267 0.62 31.96 -50.34
C ILE F 267 1.06 31.26 -51.63
N SER F 268 0.93 31.97 -52.75
CA SER F 268 1.69 31.80 -53.99
C SER F 268 1.49 30.51 -54.77
N SER F 269 0.80 29.53 -54.18
CA SER F 269 0.45 28.23 -54.80
C SER F 269 1.56 27.64 -55.67
N SER F 270 2.78 27.60 -55.11
CA SER F 270 3.97 27.29 -55.89
C SER F 270 4.08 25.78 -56.12
N CYS F 271 5.24 25.33 -56.61
CA CYS F 271 5.47 23.92 -56.91
C CYS F 271 6.59 23.32 -56.07
N GLU F 272 7.80 23.87 -56.12
CA GLU F 272 8.90 23.35 -55.31
C GLU F 272 8.74 23.72 -53.83
N PHE F 273 8.04 24.83 -53.57
CA PHE F 273 7.66 25.19 -52.21
C PHE F 273 6.86 24.07 -51.55
N GLU F 274 5.99 23.41 -52.31
CA GLU F 274 5.20 22.31 -51.77
C GLU F 274 6.07 21.12 -51.42
N ARG F 275 7.07 20.81 -52.26
CA ARG F 275 7.98 19.71 -51.98
C ARG F 275 8.80 19.97 -50.71
N SER F 276 9.34 21.19 -50.59
CA SER F 276 10.10 21.55 -49.40
C SER F 276 9.20 21.54 -48.16
N LEU F 277 7.97 22.04 -48.30
CA LEU F 277 7.02 22.02 -47.20
C LEU F 277 6.68 20.60 -46.77
N LYS F 278 6.51 19.69 -47.74
CA LYS F 278 6.20 18.30 -47.41
C LYS F 278 7.38 17.64 -46.69
N ARG F 279 8.61 17.89 -47.16
CA ARG F 279 9.77 17.32 -46.48
C ARG F 279 9.88 17.83 -45.05
N ALA F 280 9.72 19.15 -44.86
CA ALA F 280 9.75 19.73 -43.53
C ALA F 280 8.62 19.19 -42.66
N LEU F 281 7.45 18.96 -43.26
CA LEU F 281 6.31 18.43 -42.52
C LEU F 281 6.58 17.02 -42.00
N ILE F 282 7.18 16.16 -42.83
CA ILE F 282 7.53 14.81 -42.36
C ILE F 282 8.57 14.87 -41.25
N LEU F 283 9.61 15.70 -41.42
CA LEU F 283 10.64 15.81 -40.39
C LEU F 283 10.07 16.32 -39.07
N THR F 284 9.19 17.32 -39.14
CA THR F 284 8.62 17.87 -37.91
C THR F 284 7.60 16.93 -37.28
N GLU F 285 6.89 16.12 -38.08
CA GLU F 285 6.07 15.05 -37.51
C GLU F 285 6.93 14.07 -36.72
N SER F 286 8.09 13.70 -37.28
CA SER F 286 9.01 12.82 -36.57
C SER F 286 9.52 13.48 -35.28
N LEU F 287 9.77 14.79 -35.33
CA LEU F 287 10.19 15.50 -34.12
C LEU F 287 9.11 15.51 -33.03
N ALA F 288 7.85 15.69 -33.44
CA ALA F 288 6.75 15.60 -32.48
C ALA F 288 6.66 14.21 -31.87
N PHE F 289 6.87 13.18 -32.69
CA PHE F 289 6.89 11.82 -32.15
C PHE F 289 8.06 11.64 -31.19
N CYS F 290 9.18 12.31 -31.46
CA CYS F 290 10.29 12.31 -30.51
C CYS F 290 9.91 12.94 -29.19
N HIS F 291 9.09 14.00 -29.22
CA HIS F 291 8.59 14.56 -27.95
C HIS F 291 7.72 13.57 -27.20
N CYS F 292 6.80 12.91 -27.92
CA CYS F 292 5.96 11.88 -27.28
C CYS F 292 6.79 10.72 -26.76
N CYS F 293 7.99 10.52 -27.32
CA CYS F 293 8.95 9.56 -26.79
C CYS F 293 9.67 10.10 -25.56
N LEU F 294 10.02 11.38 -25.56
CA LEU F 294 10.95 11.93 -24.59
C LEU F 294 10.29 12.41 -23.30
N ASN F 295 8.98 12.66 -23.31
CA ASN F 295 8.34 13.23 -22.13
C ASN F 295 8.39 12.43 -20.81
N PRO F 296 8.29 11.08 -20.74
CA PRO F 296 8.08 10.45 -19.42
C PRO F 296 9.23 10.64 -18.43
N LEU F 297 10.48 10.66 -18.89
CA LEU F 297 11.60 10.92 -18.00
C LEU F 297 11.59 12.36 -17.51
N LEU F 298 11.15 13.29 -18.35
CA LEU F 298 11.05 14.69 -17.95
C LEU F 298 9.92 14.90 -16.95
N TYR F 299 8.86 14.10 -17.03
CA TYR F 299 7.74 14.28 -16.11
C TYR F 299 7.87 13.46 -14.84
N VAL F 300 8.21 12.17 -14.96
CA VAL F 300 8.21 11.28 -13.81
C VAL F 300 9.60 11.19 -13.18
N PHE F 301 10.60 10.85 -13.99
CA PHE F 301 11.95 10.59 -13.47
C PHE F 301 12.76 11.85 -13.23
N VAL F 302 12.15 13.03 -13.22
CA VAL F 302 12.89 14.25 -12.89
C VAL F 302 12.96 14.47 -11.39
N GLY F 303 12.12 13.80 -10.61
CA GLY F 303 12.10 13.94 -9.17
C GLY F 303 12.92 12.87 -8.49
N THR F 304 13.45 13.23 -7.30
CA THR F 304 14.24 12.28 -6.53
C THR F 304 13.38 11.14 -5.99
N LYS F 305 12.07 11.38 -5.83
CA LYS F 305 11.16 10.36 -5.31
C LYS F 305 11.10 9.15 -6.24
N PHE F 306 10.65 9.37 -7.48
CA PHE F 306 10.55 8.27 -8.43
C PHE F 306 11.91 7.74 -8.87
N ARG F 307 12.95 8.57 -8.84
CA ARG F 307 14.29 8.09 -9.12
C ARG F 307 14.76 7.09 -8.05
N GLN F 308 14.54 7.42 -6.78
CA GLN F 308 14.86 6.50 -5.70
C GLN F 308 13.98 5.27 -5.75
N GLU F 309 12.72 5.44 -6.14
CA GLU F 309 11.79 4.33 -6.31
C GLU F 309 12.29 3.37 -7.39
N LEU F 310 12.78 3.93 -8.50
CA LEU F 310 13.36 3.13 -9.57
C LEU F 310 14.61 2.40 -9.10
N HIS F 311 15.48 3.09 -8.36
CA HIS F 311 16.74 2.49 -7.89
C HIS F 311 16.51 1.29 -6.98
N CYS F 312 15.45 1.29 -6.18
CA CYS F 312 15.14 0.13 -5.35
C CYS F 312 14.27 -0.90 -6.06
N LEU F 313 13.86 -0.64 -7.30
CA LEU F 313 13.07 -1.61 -8.06
C LEU F 313 13.89 -2.37 -9.10
N LEU F 314 14.94 -1.76 -9.66
CA LEU F 314 15.72 -2.40 -10.71
C LEU F 314 16.41 -3.67 -10.22
N ALA F 315 16.63 -3.81 -8.92
CA ALA F 315 17.21 -5.02 -8.33
C ALA F 315 16.08 -6.04 -8.17
N GLU F 316 15.73 -6.68 -9.28
CA GLU F 316 14.68 -7.69 -9.29
C GLU F 316 15.22 -9.05 -8.83
#